data_6TXF
#
_entry.id   6TXF
#
_cell.length_a   104.978
_cell.length_b   104.978
_cell.length_c   195.516
_cell.angle_alpha   90.000
_cell.angle_beta   90.000
_cell.angle_gamma   90.000
#
_symmetry.space_group_name_H-M   'P 43 21 2'
#
loop_
_entity.id
_entity.type
_entity.pdbx_description
1 polymer 'Deoxynucleoside triphosphate triphosphohydrolase SAMHD1'
2 non-polymer 'FE (III) ION'
3 non-polymer 'MANGANESE (II) ION'
4 non-polymer "2'-deoxy-5'-O-[(R)-hydroxy{[(R)-hydroxy(phosphonooxy)phosphoryl]amino}phosphoryl]adenosine"
5 non-polymer '[[(2~{R},3~{S},4~{R},5~{R})-5-[2,6-bis(oxidanylidene)-3~{H}-purin-9-yl]-3,4-bis(oxidanyl)oxolan-2-yl]methoxy-oxidanyl-phosphoryl] phosphono hydrogen phosphate'
6 water water
#
_entity_poly.entity_id   1
_entity_poly.type   'polypeptide(L)'
_entity_poly.pdbx_seq_one_letter_code
;GSQIHVDTMKVINDPIHGHIELHPLLVRIINTPQFQRLRYIKQLGGGYYVFPGASHNRFEHSLGVGYLAGCLVHALGEKQ
PELQISERDVLCVQIAGLCHDLGHGPFSHMFDGRFIPLARPEVKWTHEQGSVMMFEHLINSNGIKPVMEQYGLIPEEDIC
FIKEQIVGPLESPVEDSLWPYKGRPENKSFLYEIVSNKRNGIDVDKWDYFARDCHHLGIQNNFDYKRFIKFARVCEVDNE
LRICARDKEVGNLYDMFHTRNSLHRRAYQHKVGNIIDTMITDAFLKADDYIEITGAGGKKYRISTAIDDMEAYTKLTDNI
FLEILYSTDPKLKDAREILKQIEYRNLFKYVGETQPTGQIKIKREDYESLPKEVASAKPKVLLDVKLKAEDFIVDVINMD
YGMQEKNPIDHVSFYCKTAPNRAIRITKNQVSQLLPEKFAEQLIRVYCKKVDRKSLYAARQYFVQWCADRNFTKPQDGDV
IAPLITPQKKEWNDSTSVQNPTRLREASKSRVQLFKDDPM
;
_entity_poly.pdbx_strand_id   A,B
#
# COMPACT_ATOMS: atom_id res chain seq x y z
N THR A 8 27.04 10.09 9.03
CA THR A 8 26.97 8.62 8.70
C THR A 8 25.64 8.20 8.03
N MET A 9 25.54 6.92 7.68
CA MET A 9 24.46 6.44 6.84
C MET A 9 23.20 6.17 7.68
N LYS A 10 22.06 6.36 7.09
CA LYS A 10 20.81 5.94 7.70
C LYS A 10 20.38 4.68 6.91
N VAL A 11 19.86 3.69 7.61
CA VAL A 11 19.44 2.47 6.99
C VAL A 11 17.93 2.33 7.03
N ILE A 12 17.40 1.94 5.88
CA ILE A 12 15.99 1.70 5.74
C ILE A 12 15.69 0.35 5.15
N ASN A 13 14.63 -0.30 5.64
CA ASN A 13 14.26 -1.60 5.15
C ASN A 13 13.14 -1.58 4.16
N ASP A 14 13.45 -1.99 2.94
CA ASP A 14 12.52 -2.00 1.82
C ASP A 14 12.31 -3.49 1.48
N PRO A 15 11.04 -3.94 1.29
CA PRO A 15 10.84 -5.34 1.09
C PRO A 15 11.43 -5.85 -0.25
N ILE A 16 11.58 -5.01 -1.25
CA ILE A 16 12.19 -5.41 -2.45
C ILE A 16 13.72 -5.44 -2.38
N HIS A 17 14.34 -4.32 -1.95
CA HIS A 17 15.80 -4.21 -1.98
C HIS A 17 16.51 -4.54 -0.70
N GLY A 18 15.75 -4.76 0.39
CA GLY A 18 16.35 -5.21 1.64
C GLY A 18 16.86 -3.93 2.32
N HIS A 19 17.87 -4.09 3.18
CA HIS A 19 18.39 -2.92 3.94
C HIS A 19 19.28 -2.08 3.07
N ILE A 20 18.84 -0.84 2.83
CA ILE A 20 19.63 0.05 2.11
C ILE A 20 20.07 1.29 2.87
N GLU A 21 21.25 1.78 2.49
CA GLU A 21 21.94 2.95 3.09
C GLU A 21 21.58 4.19 2.33
N LEU A 22 21.28 5.24 3.09
CA LEU A 22 20.94 6.55 2.53
C LEU A 22 21.96 7.59 3.03
N HIS A 23 22.69 8.18 2.10
CA HIS A 23 23.67 9.17 2.39
C HIS A 23 22.94 10.39 3.00
N PRO A 24 23.58 11.11 3.94
CA PRO A 24 22.80 12.14 4.63
C PRO A 24 22.21 13.24 3.74
N LEU A 25 22.83 13.55 2.64
CA LEU A 25 22.23 14.47 1.66
C LEU A 25 20.92 13.92 1.08
N LEU A 26 20.86 12.60 0.84
CA LEU A 26 19.60 11.98 0.42
C LEU A 26 18.53 12.07 1.48
N VAL A 27 18.90 11.86 2.73
CA VAL A 27 17.99 12.01 3.88
C VAL A 27 17.35 13.40 4.00
N ARG A 28 18.19 14.40 3.88
CA ARG A 28 17.72 15.79 3.76
C ARG A 28 16.73 15.97 2.63
N ILE A 29 16.95 15.39 1.46
CA ILE A 29 15.99 15.58 0.35
C ILE A 29 14.68 14.83 0.61
N ILE A 30 14.82 13.63 1.14
CA ILE A 30 13.71 12.87 1.55
C ILE A 30 12.78 13.50 2.56
N ASN A 31 13.33 14.13 3.56
CA ASN A 31 12.52 14.60 4.70
C ASN A 31 12.04 16.00 4.47
N THR A 32 11.28 16.13 3.41
CA THR A 32 10.74 17.41 2.91
C THR A 32 9.28 17.18 2.53
N PRO A 33 8.41 18.24 2.61
CA PRO A 33 7.05 18.03 2.13
C PRO A 33 6.94 17.57 0.68
N GLN A 34 7.89 17.96 -0.13
CA GLN A 34 7.80 17.81 -1.56
C GLN A 34 8.10 16.31 -1.93
N PHE A 35 9.01 15.70 -1.15
CA PHE A 35 9.34 14.28 -1.26
C PHE A 35 8.28 13.42 -0.60
N GLN A 36 7.88 13.79 0.62
CA GLN A 36 7.00 12.98 1.41
C GLN A 36 5.60 12.87 0.83
N ARG A 37 5.21 13.86 0.08
CA ARG A 37 3.99 13.87 -0.77
C ARG A 37 3.80 12.59 -1.53
N LEU A 38 4.90 12.01 -1.98
CA LEU A 38 4.83 10.78 -2.73
C LEU A 38 4.35 9.55 -1.97
N ARG A 39 4.21 9.64 -0.65
CA ARG A 39 3.53 8.57 0.15
C ARG A 39 2.05 8.49 -0.16
N TYR A 40 1.51 9.50 -0.83
CA TYR A 40 0.08 9.70 -0.95
C TYR A 40 -0.37 9.68 -2.44
N ILE A 41 0.47 9.08 -3.31
CA ILE A 41 0.20 8.84 -4.71
C ILE A 41 0.50 7.38 -5.10
N LYS A 42 -0.54 6.63 -5.39
CA LYS A 42 -0.40 5.22 -5.72
C LYS A 42 0.37 5.05 -7.02
N GLN A 43 1.36 4.16 -7.02
CA GLN A 43 2.12 3.80 -8.23
C GLN A 43 1.23 3.39 -9.39
N LEU A 44 0.29 2.49 -9.11
CA LEU A 44 -0.57 2.01 -10.21
C LEU A 44 -1.91 2.70 -10.39
N GLY A 45 -2.17 3.76 -9.65
CA GLY A 45 -3.40 4.52 -9.78
C GLY A 45 -4.59 3.65 -9.60
N GLY A 46 -5.45 3.60 -10.63
CA GLY A 46 -6.64 2.87 -10.51
C GLY A 46 -6.43 1.39 -10.46
N GLY A 47 -5.23 0.92 -10.77
CA GLY A 47 -4.99 -0.52 -10.67
C GLY A 47 -5.22 -1.17 -9.29
N TYR A 48 -5.18 -0.38 -8.20
CA TYR A 48 -5.49 -0.96 -6.90
C TYR A 48 -6.93 -1.43 -6.80
N TYR A 49 -7.82 -0.84 -7.59
CA TYR A 49 -9.20 -1.18 -7.60
C TYR A 49 -9.48 -2.46 -8.38
N VAL A 50 -8.42 -3.02 -9.00
CA VAL A 50 -8.44 -4.35 -9.64
C VAL A 50 -7.52 -5.36 -8.95
N PHE A 51 -6.33 -4.87 -8.52
CA PHE A 51 -5.35 -5.72 -7.92
C PHE A 51 -5.19 -5.16 -6.47
N PRO A 52 -5.80 -5.80 -5.49
CA PRO A 52 -5.84 -5.32 -4.12
C PRO A 52 -4.53 -5.41 -3.43
N GLY A 53 -3.55 -6.11 -3.98
CA GLY A 53 -2.23 -5.98 -3.42
C GLY A 53 -1.57 -4.66 -3.75
N ALA A 54 -2.05 -3.96 -4.79
CA ALA A 54 -1.31 -2.81 -5.39
C ALA A 54 -1.63 -1.44 -4.75
N SER A 55 -1.33 -1.44 -3.45
CA SER A 55 -1.47 -0.33 -2.55
C SER A 55 -0.14 0.50 -2.52
N HIS A 56 0.85 0.16 -3.33
CA HIS A 56 2.17 0.74 -3.18
C HIS A 56 2.27 2.11 -3.77
N ASN A 57 2.95 3.02 -3.07
CA ASN A 57 3.01 4.46 -3.51
C ASN A 57 4.35 4.81 -4.19
N ARG A 58 4.39 5.99 -4.76
CA ARG A 58 5.55 6.46 -5.48
C ARG A 58 6.73 6.65 -4.58
N PHE A 59 6.48 6.92 -3.29
CA PHE A 59 7.53 7.07 -2.32
C PHE A 59 8.58 5.94 -2.32
N GLU A 60 8.13 4.73 -2.08
CA GLU A 60 8.97 3.55 -1.99
C GLU A 60 9.61 3.29 -3.34
N HIS A 61 8.90 3.58 -4.44
CA HIS A 61 9.47 3.34 -5.74
C HIS A 61 10.69 4.27 -5.90
N SER A 62 10.50 5.52 -5.47
CA SER A 62 11.53 6.51 -5.64
C SER A 62 12.77 6.13 -4.81
N LEU A 63 12.62 5.68 -3.60
CA LEU A 63 13.76 5.19 -2.82
C LEU A 63 14.48 4.06 -3.55
N GLY A 64 13.72 3.19 -4.19
CA GLY A 64 14.33 2.10 -4.95
C GLY A 64 15.09 2.53 -6.16
N VAL A 65 14.54 3.49 -6.91
CA VAL A 65 15.24 3.92 -8.06
C VAL A 65 16.55 4.57 -7.63
N GLY A 66 16.53 5.36 -6.55
CA GLY A 66 17.69 6.01 -6.10
C GLY A 66 18.73 4.99 -5.67
N TYR A 67 18.31 3.95 -4.98
CA TYR A 67 19.28 2.95 -4.56
C TYR A 67 19.84 2.18 -5.78
N LEU A 68 19.00 1.75 -6.71
CA LEU A 68 19.49 1.01 -7.90
C LEU A 68 20.44 1.90 -8.72
N ALA A 69 20.17 3.21 -8.78
CA ALA A 69 20.95 4.09 -9.60
C ALA A 69 22.39 4.13 -9.06
N GLY A 70 22.52 4.12 -7.74
CA GLY A 70 23.78 4.07 -7.03
C GLY A 70 24.44 2.69 -7.16
N CYS A 71 23.67 1.62 -7.12
CA CYS A 71 24.29 0.30 -7.35
C CYS A 71 24.97 0.23 -8.78
N LEU A 72 24.27 0.72 -9.77
CA LEU A 72 24.77 0.64 -11.12
C LEU A 72 26.00 1.56 -11.26
N VAL A 73 25.88 2.85 -10.89
CA VAL A 73 27.04 3.73 -10.94
C VAL A 73 28.20 3.22 -10.12
N HIS A 74 28.03 2.75 -8.86
CA HIS A 74 29.18 2.14 -8.09
C HIS A 74 29.83 0.95 -8.83
N ALA A 75 29.01 0.03 -9.32
CA ALA A 75 29.55 -1.13 -9.99
C ALA A 75 30.44 -0.74 -11.20
N LEU A 76 30.00 0.22 -12.00
CA LEU A 76 30.82 0.70 -13.10
C LEU A 76 32.17 1.31 -12.63
N GLY A 77 32.13 2.14 -11.58
CA GLY A 77 33.29 2.73 -10.96
C GLY A 77 34.24 1.73 -10.34
N GLU A 78 33.76 0.68 -9.69
CA GLU A 78 34.65 -0.32 -9.10
C GLU A 78 35.38 -0.99 -10.23
N LYS A 79 34.65 -1.42 -11.24
CA LYS A 79 35.26 -2.25 -12.25
C LYS A 79 36.12 -1.47 -13.19
N GLN A 80 35.82 -0.20 -13.38
CA GLN A 80 36.53 0.63 -14.34
C GLN A 80 36.96 2.03 -13.71
N PRO A 81 38.01 2.03 -12.86
CA PRO A 81 38.60 3.28 -12.26
C PRO A 81 38.95 4.30 -13.30
N GLU A 82 39.36 3.81 -14.46
CA GLU A 82 39.71 4.68 -15.58
C GLU A 82 38.61 5.61 -16.01
N LEU A 83 37.33 5.33 -15.65
CA LEU A 83 36.22 6.23 -16.02
C LEU A 83 36.22 7.54 -15.23
N GLN A 84 36.87 7.55 -14.09
CA GLN A 84 36.97 8.72 -13.22
C GLN A 84 35.62 9.11 -12.66
N ILE A 85 34.87 8.11 -12.23
CA ILE A 85 33.56 8.34 -11.61
C ILE A 85 33.88 8.80 -10.20
N SER A 86 33.45 10.00 -9.89
CA SER A 86 33.75 10.65 -8.58
C SER A 86 32.58 10.40 -7.66
N GLU A 87 32.79 10.70 -6.38
CA GLU A 87 31.74 10.64 -5.39
C GLU A 87 30.68 11.67 -5.69
N ARG A 88 31.09 12.78 -6.23
CA ARG A 88 30.14 13.74 -6.78
C ARG A 88 29.15 13.15 -7.82
N ASP A 89 29.68 12.43 -8.80
CA ASP A 89 28.88 11.78 -9.84
C ASP A 89 27.88 10.81 -9.21
N VAL A 90 28.41 9.94 -8.36
CA VAL A 90 27.61 8.93 -7.66
C VAL A 90 26.40 9.60 -6.98
N LEU A 91 26.69 10.66 -6.25
CA LEU A 91 25.59 11.37 -5.55
C LEU A 91 24.58 11.99 -6.49
N CYS A 92 25.04 12.66 -7.52
CA CYS A 92 24.11 13.20 -8.52
C CYS A 92 23.24 12.14 -9.15
N VAL A 93 23.79 10.95 -9.38
CA VAL A 93 23.01 9.91 -10.02
C VAL A 93 21.95 9.44 -9.03
N GLN A 94 22.37 9.26 -7.80
CA GLN A 94 21.49 8.87 -6.74
C GLN A 94 20.36 9.85 -6.49
N ILE A 95 20.66 11.12 -6.53
CA ILE A 95 19.63 12.11 -6.35
C ILE A 95 18.69 12.12 -7.51
N ALA A 96 19.18 11.91 -8.74
CA ALA A 96 18.26 11.97 -9.86
C ALA A 96 17.31 10.76 -9.72
N GLY A 97 17.85 9.64 -9.26
CA GLY A 97 17.02 8.45 -9.13
C GLY A 97 15.90 8.66 -8.13
N LEU A 98 16.34 9.22 -7.04
CA LEU A 98 15.46 9.50 -5.93
C LEU A 98 14.36 10.44 -6.26
N CYS A 99 14.66 11.42 -7.12
CA CYS A 99 13.80 12.55 -7.41
C CYS A 99 13.11 12.48 -8.77
N HIS A 100 13.28 11.35 -9.49
CA HIS A 100 12.89 11.28 -10.87
C HIS A 100 11.39 11.32 -11.02
N ASP A 101 10.65 10.96 -9.97
CA ASP A 101 9.22 10.85 -10.09
C ASP A 101 8.51 11.83 -9.17
N LEU A 102 9.19 12.90 -8.74
CA LEU A 102 8.57 13.89 -7.89
C LEU A 102 7.37 14.65 -8.55
N GLY A 103 7.27 14.62 -9.88
CA GLY A 103 6.18 15.30 -10.60
C GLY A 103 4.94 14.49 -10.87
N HIS A 104 4.89 13.23 -10.43
CA HIS A 104 3.62 12.47 -10.67
C HIS A 104 2.53 13.14 -9.85
N GLY A 105 1.33 13.14 -10.40
CA GLY A 105 0.16 13.67 -9.78
C GLY A 105 -0.71 12.49 -9.38
N PRO A 106 -1.89 12.79 -8.85
CA PRO A 106 -2.86 11.85 -8.34
C PRO A 106 -3.01 10.70 -9.30
N PHE A 107 -2.87 9.48 -8.79
CA PHE A 107 -3.03 8.23 -9.57
C PHE A 107 -2.05 8.15 -10.69
N SER A 108 -0.91 8.79 -10.47
CA SER A 108 0.29 8.65 -11.32
C SER A 108 -0.02 8.90 -12.79
N HIS A 109 0.13 7.88 -13.65
CA HIS A 109 -0.05 8.07 -15.08
C HIS A 109 -1.48 8.41 -15.51
N MET A 110 -2.44 8.19 -14.65
CA MET A 110 -3.77 8.70 -14.94
C MET A 110 -3.70 10.24 -15.10
N PHE A 111 -2.89 10.91 -14.26
CA PHE A 111 -2.87 12.34 -14.24
C PHE A 111 -2.28 12.97 -15.48
N ASP A 112 -1.10 12.52 -15.90
CA ASP A 112 -0.47 13.08 -17.16
C ASP A 112 -0.91 12.35 -18.46
N GLY A 113 -1.42 11.12 -18.33
CA GLY A 113 -1.91 10.33 -19.48
C GLY A 113 -3.36 10.66 -19.87
N ARG A 114 -4.20 11.00 -18.90
CA ARG A 114 -5.65 11.20 -19.22
C ARG A 114 -6.13 12.58 -18.74
N PHE A 115 -5.92 12.95 -17.49
CA PHE A 115 -6.54 14.19 -16.98
C PHE A 115 -6.02 15.50 -17.55
N ILE A 116 -4.73 15.75 -17.47
CA ILE A 116 -4.17 16.95 -18.01
C ILE A 116 -4.41 17.11 -19.52
N PRO A 117 -4.28 16.04 -20.33
CA PRO A 117 -4.63 16.18 -21.75
C PRO A 117 -6.11 16.58 -22.09
N LEU A 118 -7.09 16.02 -21.38
CA LEU A 118 -8.44 16.44 -21.53
C LEU A 118 -8.78 17.81 -20.87
N ALA A 119 -8.18 18.15 -19.73
CA ALA A 119 -8.56 19.36 -19.00
C ALA A 119 -7.83 20.60 -19.51
N ARG A 120 -6.65 20.41 -20.07
CA ARG A 120 -5.81 21.51 -20.50
C ARG A 120 -5.07 21.19 -21.76
N PRO A 121 -5.79 21.20 -22.90
CA PRO A 121 -5.16 20.98 -24.25
C PRO A 121 -4.15 22.05 -24.65
N GLU A 122 -4.24 23.20 -24.00
CA GLU A 122 -3.33 24.32 -24.18
C GLU A 122 -1.90 24.20 -23.58
N VAL A 123 -1.59 23.12 -22.85
CA VAL A 123 -0.22 22.77 -22.40
C VAL A 123 0.12 21.39 -22.95
N LYS A 124 1.40 21.14 -23.20
CA LYS A 124 1.93 19.77 -23.36
C LYS A 124 2.82 19.63 -22.11
N TRP A 125 2.35 18.79 -21.17
CA TRP A 125 2.96 18.56 -19.88
C TRP A 125 3.19 17.05 -19.63
N THR A 126 4.22 16.72 -18.86
CA THR A 126 4.50 15.38 -18.48
C THR A 126 4.95 15.36 -17.04
N HIS A 127 4.80 14.19 -16.37
CA HIS A 127 5.23 14.10 -14.94
C HIS A 127 6.75 14.45 -14.84
N GLU A 128 7.52 14.11 -15.88
CA GLU A 128 8.95 14.35 -15.85
C GLU A 128 9.26 15.85 -15.81
N GLN A 129 8.49 16.68 -16.51
CA GLN A 129 8.64 18.14 -16.43
C GLN A 129 8.30 18.54 -15.03
N GLY A 130 7.13 18.07 -14.56
CA GLY A 130 6.77 18.18 -13.16
C GLY A 130 7.91 17.84 -12.19
N SER A 131 8.68 16.83 -12.48
CA SER A 131 9.70 16.37 -11.55
C SER A 131 10.86 17.43 -11.46
N VAL A 132 11.22 17.98 -12.60
CA VAL A 132 12.22 18.97 -12.69
C VAL A 132 11.80 20.24 -11.95
N MET A 133 10.54 20.66 -12.10
CA MET A 133 10.01 21.82 -11.39
C MET A 133 9.89 21.57 -9.89
N MET A 134 9.36 20.41 -9.55
CA MET A 134 9.25 20.06 -8.15
C MET A 134 10.60 19.91 -7.49
N PHE A 135 11.59 19.42 -8.22
CA PHE A 135 12.95 19.31 -7.68
C PHE A 135 13.55 20.67 -7.32
N GLU A 136 13.41 21.63 -8.24
CA GLU A 136 13.76 23.02 -8.05
C GLU A 136 13.09 23.61 -6.76
N HIS A 137 11.79 23.42 -6.64
CA HIS A 137 11.05 23.93 -5.50
C HIS A 137 11.51 23.28 -4.18
N LEU A 138 11.83 22.00 -4.23
CA LEU A 138 12.24 21.27 -3.04
C LEU A 138 13.57 21.82 -2.58
N ILE A 139 14.53 21.92 -3.49
CA ILE A 139 15.85 22.46 -3.22
C ILE A 139 15.76 23.89 -2.66
N ASN A 140 15.00 24.75 -3.35
CA ASN A 140 14.96 26.18 -3.02
C ASN A 140 14.25 26.40 -1.72
N SER A 141 13.17 25.65 -1.43
CA SER A 141 12.40 25.87 -0.23
C SER A 141 12.89 25.06 1.02
N ASN A 142 13.94 24.28 0.91
CA ASN A 142 14.44 23.51 2.12
C ASN A 142 15.94 23.70 2.41
N GLY A 143 16.55 24.73 1.83
CA GLY A 143 17.98 25.03 2.09
C GLY A 143 18.92 23.92 1.63
N ILE A 144 18.56 23.19 0.56
CA ILE A 144 19.38 22.04 0.18
C ILE A 144 20.73 22.45 -0.48
N LYS A 145 20.77 23.59 -1.17
CA LYS A 145 22.01 24.05 -1.88
C LYS A 145 23.29 24.09 -1.03
N PRO A 146 23.21 24.60 0.20
CA PRO A 146 24.51 24.51 0.98
C PRO A 146 24.91 23.08 1.39
N VAL A 147 23.93 22.23 1.60
CA VAL A 147 24.18 20.78 1.90
C VAL A 147 24.81 20.03 0.70
N MET A 148 24.37 20.32 -0.51
CA MET A 148 25.10 19.87 -1.69
C MET A 148 26.56 20.31 -1.74
N GLU A 149 26.80 21.59 -1.43
CA GLU A 149 28.14 22.15 -1.52
C GLU A 149 28.98 21.50 -0.50
N GLN A 150 28.42 21.34 0.68
CA GLN A 150 29.09 20.63 1.76
C GLN A 150 29.57 19.20 1.39
N TYR A 151 28.97 18.51 0.42
CA TYR A 151 29.48 17.19 -0.03
C TYR A 151 30.22 17.18 -1.39
N GLY A 152 30.68 18.34 -1.84
CA GLY A 152 31.54 18.45 -3.02
C GLY A 152 30.75 18.72 -4.26
N LEU A 153 29.44 18.94 -4.15
CA LEU A 153 28.66 19.21 -5.35
C LEU A 153 28.72 20.68 -5.64
N ILE A 154 28.51 21.01 -6.89
CA ILE A 154 28.60 22.35 -7.43
C ILE A 154 27.26 22.62 -8.06
N PRO A 155 26.40 23.35 -7.36
CA PRO A 155 25.07 23.43 -7.90
C PRO A 155 24.86 24.01 -9.31
N GLU A 156 25.63 24.99 -9.83
CA GLU A 156 25.26 25.50 -11.19
C GLU A 156 25.26 24.26 -12.14
N GLU A 157 26.39 23.55 -12.11
CA GLU A 157 26.62 22.35 -12.91
C GLU A 157 25.70 21.14 -12.52
N ASP A 158 25.70 20.75 -11.25
CA ASP A 158 25.03 19.54 -10.76
C ASP A 158 23.46 19.57 -10.73
N ILE A 159 22.87 20.68 -10.45
CA ILE A 159 21.41 20.79 -10.54
C ILE A 159 20.99 20.53 -11.98
N CYS A 160 21.77 21.09 -12.89
CA CYS A 160 21.51 20.92 -14.28
C CYS A 160 21.69 19.45 -14.67
N PHE A 161 22.79 18.83 -14.26
CA PHE A 161 23.02 17.39 -14.44
C PHE A 161 21.84 16.52 -14.00
N ILE A 162 21.41 16.72 -12.78
CA ILE A 162 20.25 16.01 -12.20
C ILE A 162 19.00 16.18 -13.08
N LYS A 163 18.67 17.41 -13.43
CA LYS A 163 17.48 17.64 -14.22
C LYS A 163 17.58 16.98 -15.57
N GLU A 164 18.72 17.06 -16.22
CA GLU A 164 18.96 16.43 -17.49
C GLU A 164 18.75 14.86 -17.47
N GLN A 165 19.14 14.23 -16.37
CA GLN A 165 18.95 12.80 -16.19
C GLN A 165 17.51 12.41 -16.10
N ILE A 166 16.71 13.28 -15.53
CA ILE A 166 15.29 13.02 -15.35
C ILE A 166 14.46 13.28 -16.60
N VAL A 167 14.71 14.38 -17.23
CA VAL A 167 13.86 14.84 -18.31
C VAL A 167 14.53 14.79 -19.69
N GLY A 168 15.85 14.65 -19.77
CA GLY A 168 16.60 14.82 -21.04
C GLY A 168 17.11 16.25 -21.18
N PRO A 169 17.72 16.59 -22.33
CA PRO A 169 18.22 18.00 -22.57
C PRO A 169 17.18 19.14 -22.46
N LEU A 170 17.60 20.32 -22.02
CA LEU A 170 16.72 21.44 -21.60
C LEU A 170 16.37 22.55 -22.62
N LEU A 178 26.09 18.25 -32.45
CA LEU A 178 27.07 17.72 -31.54
C LEU A 178 26.45 17.03 -30.27
N TRP A 179 26.78 17.54 -29.08
CA TRP A 179 26.50 16.91 -27.78
C TRP A 179 25.54 17.83 -27.04
N PRO A 180 24.33 17.37 -26.71
CA PRO A 180 23.29 18.28 -26.19
C PRO A 180 23.24 18.58 -24.69
N TYR A 181 24.19 18.11 -23.89
CA TYR A 181 24.12 18.28 -22.43
C TYR A 181 25.11 19.31 -21.80
N LYS A 182 24.60 20.09 -20.87
CA LYS A 182 25.36 21.11 -20.14
C LYS A 182 25.83 20.61 -18.77
N GLY A 183 25.49 19.40 -18.36
CA GLY A 183 25.82 18.97 -16.99
C GLY A 183 27.08 18.10 -16.86
N ARG A 184 27.36 17.33 -17.91
CA ARG A 184 28.52 16.46 -18.01
C ARG A 184 28.92 16.35 -19.49
N PRO A 185 30.20 16.08 -19.73
CA PRO A 185 30.70 15.91 -21.11
C PRO A 185 30.60 14.49 -21.60
N GLU A 186 30.88 14.34 -22.88
CA GLU A 186 30.86 13.05 -23.60
C GLU A 186 31.63 11.91 -22.97
N ASN A 187 32.69 12.22 -22.21
CA ASN A 187 33.46 11.19 -21.48
C ASN A 187 32.73 10.65 -20.22
N LYS A 188 31.57 11.25 -19.92
CA LYS A 188 30.64 10.75 -18.93
C LYS A 188 29.18 10.52 -19.39
N SER A 189 28.97 10.26 -20.69
CA SER A 189 27.59 10.06 -21.27
C SER A 189 26.91 8.87 -20.62
N PHE A 190 27.66 7.82 -20.31
CA PHE A 190 27.14 6.68 -19.61
C PHE A 190 26.27 7.03 -18.40
N LEU A 191 26.59 8.11 -17.71
CA LEU A 191 25.82 8.53 -16.57
C LEU A 191 24.40 8.92 -16.86
N TYR A 192 24.15 9.46 -18.06
CA TYR A 192 22.78 9.70 -18.49
C TYR A 192 21.98 8.42 -18.83
N GLU A 193 22.62 7.27 -18.88
CA GLU A 193 21.95 6.02 -19.28
C GLU A 193 21.40 5.19 -18.07
N ILE A 194 21.46 5.72 -16.84
CA ILE A 194 21.13 4.96 -15.61
C ILE A 194 19.67 5.15 -15.13
N VAL A 195 19.23 6.38 -14.96
CA VAL A 195 17.93 6.71 -14.38
C VAL A 195 16.83 6.69 -15.43
N SER A 196 17.09 7.27 -16.58
CA SER A 196 16.16 7.30 -17.66
C SER A 196 17.04 7.30 -18.94
N ASN A 197 17.01 6.17 -19.60
CA ASN A 197 17.86 5.86 -20.73
C ASN A 197 17.12 6.19 -22.00
N LYS A 198 17.47 7.32 -22.61
CA LYS A 198 16.78 7.83 -23.84
C LYS A 198 17.32 7.10 -25.07
N ARG A 199 18.47 6.45 -24.97
CA ARG A 199 19.01 5.66 -26.11
C ARG A 199 18.12 4.41 -26.40
N ASN A 200 17.82 3.62 -25.35
CA ASN A 200 17.16 2.34 -25.51
C ASN A 200 16.13 1.90 -24.41
N GLY A 201 15.95 2.71 -23.38
CA GLY A 201 15.01 2.49 -22.33
C GLY A 201 15.46 1.55 -21.21
N ILE A 202 16.65 0.97 -21.32
CA ILE A 202 17.12 0.02 -20.35
C ILE A 202 17.70 0.85 -19.15
N ASP A 203 16.87 1.07 -18.13
CA ASP A 203 17.22 1.91 -17.00
C ASP A 203 16.78 1.30 -15.65
N VAL A 204 17.29 1.86 -14.54
CA VAL A 204 17.04 1.31 -13.23
C VAL A 204 15.61 1.54 -12.76
N ASP A 205 14.96 2.52 -13.37
CA ASP A 205 13.56 2.80 -13.13
C ASP A 205 12.68 1.61 -13.47
N LYS A 206 12.88 1.02 -14.62
CA LYS A 206 12.18 -0.24 -14.98
C LYS A 206 12.55 -1.38 -14.04
N TRP A 207 13.82 -1.49 -13.70
CA TRP A 207 14.19 -2.54 -12.81
C TRP A 207 13.48 -2.47 -11.50
N ASP A 208 13.39 -1.31 -10.90
CA ASP A 208 12.66 -1.24 -9.62
C ASP A 208 11.19 -1.54 -9.81
N TYR A 209 10.52 -0.89 -10.78
CA TYR A 209 9.04 -1.05 -10.85
C TYR A 209 8.67 -2.49 -11.22
N PHE A 210 9.46 -3.14 -12.10
CA PHE A 210 9.25 -4.55 -12.37
C PHE A 210 9.19 -5.35 -11.10
N ALA A 211 10.24 -5.21 -10.31
CA ALA A 211 10.27 -5.99 -9.10
C ALA A 211 9.21 -5.58 -8.09
N ARG A 212 9.00 -4.30 -7.97
CA ARG A 212 8.07 -3.81 -6.92
C ARG A 212 6.60 -4.07 -7.32
N ASP A 213 6.26 -3.87 -8.58
CA ASP A 213 4.89 -4.03 -9.02
C ASP A 213 4.53 -5.48 -8.93
N CYS A 214 5.45 -6.37 -9.37
CA CYS A 214 5.19 -7.79 -9.31
C CYS A 214 4.91 -8.25 -7.85
N HIS A 215 5.75 -7.87 -6.93
CA HIS A 215 5.60 -8.24 -5.50
C HIS A 215 4.23 -7.84 -5.03
N HIS A 216 3.69 -6.70 -5.45
CA HIS A 216 2.39 -6.26 -4.93
C HIS A 216 1.19 -6.77 -5.75
N LEU A 217 1.38 -6.95 -7.04
CA LEU A 217 0.35 -7.39 -7.92
C LEU A 217 0.03 -8.83 -7.71
N GLY A 218 1.04 -9.62 -7.36
CA GLY A 218 0.84 -11.11 -7.34
C GLY A 218 1.03 -11.82 -8.69
N ILE A 219 1.86 -11.21 -9.52
CA ILE A 219 2.37 -11.75 -10.74
C ILE A 219 3.86 -11.67 -10.54
N GLN A 220 4.57 -12.65 -11.01
CA GLN A 220 5.92 -12.87 -10.66
C GLN A 220 6.86 -12.34 -11.81
N ASN A 221 7.95 -11.73 -11.33
CA ASN A 221 8.91 -11.06 -12.19
C ASN A 221 9.90 -12.06 -12.86
N ASN A 222 10.12 -12.13 -14.17
CA ASN A 222 11.25 -12.95 -14.61
C ASN A 222 12.56 -12.28 -15.19
N PHE A 223 12.78 -11.01 -14.90
CA PHE A 223 13.98 -10.33 -15.31
C PHE A 223 14.92 -10.25 -14.14
N ASP A 224 16.22 -10.47 -14.35
CA ASP A 224 17.20 -10.40 -13.27
C ASP A 224 18.19 -9.24 -13.46
N TYR A 225 17.96 -8.14 -12.75
CA TYR A 225 18.68 -6.88 -12.95
C TYR A 225 20.07 -7.03 -12.39
N LYS A 226 20.20 -7.81 -11.34
CA LYS A 226 21.52 -7.99 -10.74
C LYS A 226 22.45 -8.66 -11.72
N ARG A 227 21.93 -9.68 -12.43
CA ARG A 227 22.75 -10.31 -13.41
C ARG A 227 23.21 -9.25 -14.43
N PHE A 228 22.27 -8.41 -14.88
CA PHE A 228 22.62 -7.43 -15.86
C PHE A 228 23.72 -6.53 -15.41
N ILE A 229 23.60 -6.02 -14.20
CA ILE A 229 24.66 -5.12 -13.63
C ILE A 229 25.98 -5.83 -13.57
N LYS A 230 26.04 -7.11 -13.19
CA LYS A 230 27.37 -7.75 -13.15
C LYS A 230 28.05 -7.77 -14.54
N PHE A 231 27.25 -7.77 -15.63
CA PHE A 231 27.80 -7.92 -16.96
C PHE A 231 27.85 -6.62 -17.72
N ALA A 232 27.56 -5.52 -17.08
CA ALA A 232 27.61 -4.23 -17.79
C ALA A 232 28.99 -3.64 -17.76
N ARG A 233 29.25 -2.80 -18.76
CA ARG A 233 30.57 -2.28 -18.92
C ARG A 233 30.54 -1.10 -19.85
N VAL A 234 31.36 -0.11 -19.57
CA VAL A 234 31.45 1.07 -20.46
C VAL A 234 32.52 0.84 -21.52
N CYS A 235 32.15 1.14 -22.75
CA CYS A 235 33.02 1.08 -23.94
C CYS A 235 32.80 2.30 -24.80
N GLU A 236 33.74 2.53 -25.70
CA GLU A 236 33.64 3.63 -26.64
C GLU A 236 32.70 3.30 -27.77
N VAL A 237 31.72 4.14 -27.98
CA VAL A 237 30.77 3.98 -29.10
C VAL A 237 30.55 5.35 -29.68
N ASP A 238 30.89 5.50 -30.98
CA ASP A 238 30.78 6.76 -31.74
C ASP A 238 31.36 7.95 -30.95
N ASN A 239 32.60 7.82 -30.48
CA ASN A 239 33.32 8.91 -29.75
C ASN A 239 32.67 9.40 -28.43
N GLU A 240 31.90 8.50 -27.83
CA GLU A 240 31.14 8.74 -26.60
C GLU A 240 31.29 7.45 -25.75
N LEU A 241 31.53 7.61 -24.47
CA LEU A 241 31.60 6.46 -23.52
C LEU A 241 30.17 6.01 -23.08
N ARG A 242 29.77 4.80 -23.43
CA ARG A 242 28.39 4.28 -23.17
C ARG A 242 28.32 2.93 -22.45
N ILE A 243 27.19 2.65 -21.82
CA ILE A 243 27.02 1.38 -21.14
C ILE A 243 26.71 0.35 -22.18
N CYS A 244 27.45 -0.75 -22.14
CA CYS A 244 27.27 -1.89 -23.00
C CYS A 244 27.04 -3.13 -22.14
N ALA A 245 26.38 -4.13 -22.67
CA ALA A 245 26.13 -5.38 -22.03
C ALA A 245 26.96 -6.48 -22.69
N ARG A 246 27.24 -7.55 -21.95
CA ARG A 246 27.83 -8.71 -22.56
C ARG A 246 26.89 -9.29 -23.64
N ASP A 247 27.51 -9.77 -24.74
CA ASP A 247 26.84 -10.39 -25.85
C ASP A 247 25.78 -11.45 -25.41
N LYS A 248 26.13 -12.35 -24.50
CA LYS A 248 25.22 -13.35 -23.96
C LYS A 248 23.94 -12.83 -23.26
N GLU A 249 23.90 -11.59 -22.79
CA GLU A 249 22.70 -11.02 -22.27
C GLU A 249 21.64 -10.57 -23.31
N VAL A 250 21.88 -10.74 -24.61
CA VAL A 250 20.95 -10.22 -25.60
C VAL A 250 19.57 -10.84 -25.46
N GLY A 251 19.50 -12.14 -25.22
CA GLY A 251 18.24 -12.88 -24.96
C GLY A 251 17.51 -12.28 -23.77
N ASN A 252 18.24 -11.94 -22.72
CA ASN A 252 17.68 -11.42 -21.48
C ASN A 252 17.14 -10.02 -21.74
N LEU A 253 17.72 -9.28 -22.66
CA LEU A 253 17.21 -7.90 -22.97
C LEU A 253 15.95 -7.98 -23.80
N TYR A 254 15.89 -8.88 -24.77
CA TYR A 254 14.59 -9.21 -25.40
C TYR A 254 13.53 -9.60 -24.38
N ASP A 255 13.89 -10.49 -23.46
CA ASP A 255 12.94 -10.90 -22.40
C ASP A 255 12.59 -9.76 -21.47
N MET A 256 13.49 -8.82 -21.22
CA MET A 256 13.11 -7.65 -20.39
C MET A 256 11.97 -6.88 -21.00
N PHE A 257 12.04 -6.62 -22.30
CA PHE A 257 10.99 -5.85 -22.98
C PHE A 257 9.71 -6.64 -23.12
N HIS A 258 9.85 -7.96 -23.28
CA HIS A 258 8.70 -8.85 -23.30
C HIS A 258 7.98 -8.85 -21.97
N THR A 259 8.70 -8.88 -20.89
CA THR A 259 8.14 -8.73 -19.57
C THR A 259 7.41 -7.41 -19.46
N ARG A 260 8.08 -6.33 -19.85
CA ARG A 260 7.35 -5.04 -19.77
C ARG A 260 6.00 -5.11 -20.50
N ASN A 261 5.96 -5.68 -21.68
CA ASN A 261 4.70 -5.74 -22.43
C ASN A 261 3.68 -6.63 -21.72
N SER A 262 4.14 -7.77 -21.19
CA SER A 262 3.27 -8.65 -20.43
C SER A 262 2.66 -7.95 -19.18
N LEU A 263 3.52 -7.19 -18.47
CA LEU A 263 3.01 -6.37 -17.38
C LEU A 263 1.94 -5.36 -17.82
N HIS A 264 2.15 -4.68 -18.93
CA HIS A 264 1.10 -3.81 -19.45
C HIS A 264 -0.20 -4.56 -19.76
N ARG A 265 -0.11 -5.73 -20.40
CA ARG A 265 -1.27 -6.48 -20.82
C ARG A 265 -2.03 -7.04 -19.64
N ARG A 266 -1.34 -7.61 -18.68
CA ARG A 266 -2.01 -8.24 -17.54
C ARG A 266 -2.46 -7.22 -16.49
N ALA A 267 -1.66 -6.17 -16.23
CA ALA A 267 -1.98 -5.24 -15.14
C ALA A 267 -2.24 -3.78 -15.55
N TYR A 268 -1.22 -3.10 -16.05
CA TYR A 268 -1.27 -1.67 -16.19
C TYR A 268 -2.40 -1.22 -17.15
N GLN A 269 -2.66 -1.99 -18.18
CA GLN A 269 -3.74 -1.66 -19.15
C GLN A 269 -4.92 -2.65 -18.99
N HIS A 270 -5.13 -3.21 -17.79
CA HIS A 270 -6.24 -4.12 -17.56
C HIS A 270 -7.44 -3.23 -17.88
N LYS A 271 -8.35 -3.79 -18.64
CA LYS A 271 -9.49 -3.05 -19.16
C LYS A 271 -10.29 -2.37 -18.03
N VAL A 272 -10.39 -2.99 -16.87
CA VAL A 272 -11.17 -2.42 -15.79
C VAL A 272 -10.33 -1.37 -15.00
N GLY A 273 -9.03 -1.59 -14.88
CA GLY A 273 -8.14 -0.57 -14.32
C GLY A 273 -8.21 0.69 -15.14
N ASN A 274 -8.26 0.53 -16.44
CA ASN A 274 -8.35 1.71 -17.33
C ASN A 274 -9.70 2.38 -17.21
N ILE A 275 -10.79 1.60 -17.08
CA ILE A 275 -12.08 2.25 -16.92
C ILE A 275 -12.19 3.05 -15.59
N ILE A 276 -11.66 2.51 -14.54
CA ILE A 276 -11.63 3.21 -13.26
C ILE A 276 -10.83 4.50 -13.36
N ASP A 277 -9.68 4.45 -14.01
CA ASP A 277 -8.86 5.64 -14.23
C ASP A 277 -9.69 6.65 -15.05
N THR A 278 -10.49 6.16 -15.99
CA THR A 278 -11.32 7.03 -16.83
C THR A 278 -12.43 7.69 -16.00
N MET A 279 -13.02 6.93 -15.10
CA MET A 279 -14.05 7.45 -14.22
C MET A 279 -13.54 8.45 -13.22
N ILE A 280 -12.36 8.19 -12.71
CA ILE A 280 -11.76 9.15 -11.77
C ILE A 280 -11.43 10.38 -12.52
N THR A 281 -10.88 10.23 -13.72
CA THR A 281 -10.59 11.40 -14.58
C THR A 281 -11.86 12.23 -14.86
N ASP A 282 -12.94 11.54 -15.18
CA ASP A 282 -14.23 12.23 -15.36
C ASP A 282 -14.68 12.98 -14.09
N ALA A 283 -14.58 12.33 -12.93
CA ALA A 283 -14.89 12.99 -11.69
C ALA A 283 -14.07 14.25 -11.55
N PHE A 284 -12.77 14.17 -11.80
CA PHE A 284 -11.88 15.30 -11.64
C PHE A 284 -12.23 16.39 -12.64
N LEU A 285 -12.58 16.02 -13.86
CA LEU A 285 -13.06 17.02 -14.85
C LEU A 285 -14.27 17.78 -14.39
N LYS A 286 -15.24 17.09 -13.83
CA LYS A 286 -16.39 17.71 -13.20
C LYS A 286 -16.14 18.46 -11.92
N ALA A 287 -14.95 18.33 -11.30
CA ALA A 287 -14.64 19.10 -10.12
C ALA A 287 -13.68 20.25 -10.41
N ASP A 288 -13.12 20.33 -11.61
CA ASP A 288 -11.96 21.18 -11.82
C ASP A 288 -12.30 22.66 -11.64
N ASP A 289 -13.51 23.04 -12.03
CA ASP A 289 -14.01 24.40 -11.88
C ASP A 289 -14.21 24.78 -10.41
N TYR A 290 -14.44 23.81 -9.52
CA TYR A 290 -14.94 24.11 -8.15
C TYR A 290 -14.02 23.83 -7.00
N ILE A 291 -12.82 23.28 -7.23
CA ILE A 291 -11.86 23.04 -6.12
C ILE A 291 -10.71 24.04 -6.21
N GLU A 292 -10.27 24.50 -5.04
CA GLU A 292 -9.28 25.55 -4.93
C GLU A 292 -8.13 25.07 -4.11
N ILE A 293 -6.92 25.11 -4.64
CA ILE A 293 -5.76 24.70 -3.88
C ILE A 293 -4.88 25.92 -3.69
N THR A 294 -4.49 26.20 -2.45
CA THR A 294 -3.77 27.43 -2.16
C THR A 294 -2.27 27.24 -2.43
N GLY A 295 -1.76 28.01 -3.38
CA GLY A 295 -0.36 28.01 -3.76
C GLY A 295 0.40 29.20 -3.21
N ALA A 296 1.51 29.58 -3.89
CA ALA A 296 2.46 30.59 -3.42
C ALA A 296 1.80 31.99 -3.47
N GLY A 297 2.04 32.77 -2.42
CA GLY A 297 1.44 34.08 -2.25
C GLY A 297 -0.06 34.09 -1.96
N GLY A 298 -0.63 33.00 -1.42
CA GLY A 298 -2.10 32.81 -1.24
C GLY A 298 -2.97 32.70 -2.52
N LYS A 299 -2.34 32.65 -3.70
CA LYS A 299 -3.05 32.48 -4.98
C LYS A 299 -3.74 31.14 -5.09
N LYS A 300 -4.93 31.12 -5.68
CA LYS A 300 -5.74 29.92 -5.79
C LYS A 300 -5.56 29.29 -7.18
N TYR A 301 -5.31 27.97 -7.16
CA TYR A 301 -5.13 27.15 -8.35
C TYR A 301 -6.20 26.07 -8.41
N ARG A 302 -6.36 25.51 -9.59
CA ARG A 302 -7.27 24.39 -9.80
C ARG A 302 -6.50 23.07 -9.91
N ILE A 303 -7.23 21.96 -9.88
CA ILE A 303 -6.61 20.68 -10.08
C ILE A 303 -5.75 20.70 -11.40
N SER A 304 -6.28 21.25 -12.46
CA SER A 304 -5.59 21.34 -13.71
C SER A 304 -4.49 22.42 -13.80
N THR A 305 -4.47 23.43 -12.93
CA THR A 305 -3.42 24.47 -12.94
C THR A 305 -2.43 24.38 -11.79
N ALA A 306 -2.72 23.56 -10.79
CA ALA A 306 -1.76 23.32 -9.72
C ALA A 306 -0.43 22.92 -10.24
N ILE A 307 -0.37 22.32 -11.44
CA ILE A 307 0.91 22.04 -12.08
C ILE A 307 1.79 23.23 -12.44
N ASP A 308 1.25 24.44 -12.42
CA ASP A 308 2.03 25.67 -12.70
C ASP A 308 2.66 26.26 -11.43
N ASP A 309 2.24 25.83 -10.25
CA ASP A 309 2.80 26.34 -8.98
C ASP A 309 3.15 25.21 -7.98
N MET A 310 4.46 25.04 -7.73
CA MET A 310 4.91 23.87 -6.99
C MET A 310 4.49 23.85 -5.54
N GLU A 311 4.17 25.01 -4.99
CA GLU A 311 3.62 25.06 -3.63
C GLU A 311 2.19 24.48 -3.57
N ALA A 312 1.45 24.72 -4.64
CA ALA A 312 0.11 24.14 -4.74
C ALA A 312 0.12 22.64 -5.12
N TYR A 313 0.95 22.31 -6.11
CA TYR A 313 1.14 20.95 -6.56
C TYR A 313 1.57 20.02 -5.38
N THR A 314 2.36 20.55 -4.44
CA THR A 314 2.79 19.80 -3.24
C THR A 314 1.60 19.18 -2.52
N LYS A 315 0.46 19.86 -2.53
CA LYS A 315 -0.72 19.43 -1.79
C LYS A 315 -1.70 18.69 -2.64
N LEU A 316 -1.35 18.39 -3.88
CA LEU A 316 -2.29 17.70 -4.79
C LEU A 316 -1.89 16.23 -4.89
N THR A 317 -2.61 15.35 -4.24
CA THR A 317 -2.31 13.95 -4.17
C THR A 317 -3.57 13.14 -4.33
N ASP A 318 -3.45 11.81 -4.21
CA ASP A 318 -4.67 10.94 -4.29
C ASP A 318 -5.77 11.35 -3.24
N ASN A 319 -5.40 12.09 -2.22
CA ASN A 319 -6.33 12.67 -1.29
C ASN A 319 -7.49 13.41 -1.95
N ILE A 320 -7.23 14.06 -3.07
CA ILE A 320 -8.27 14.70 -3.82
C ILE A 320 -9.49 13.78 -4.11
N PHE A 321 -9.27 12.47 -4.36
CA PHE A 321 -10.36 11.51 -4.59
C PHE A 321 -11.33 11.54 -3.40
N LEU A 322 -10.75 11.43 -2.21
CA LEU A 322 -11.54 11.44 -0.97
C LEU A 322 -12.13 12.81 -0.59
N GLU A 323 -11.41 13.88 -0.85
CA GLU A 323 -11.94 15.23 -0.76
C GLU A 323 -13.28 15.33 -1.58
N ILE A 324 -13.28 14.84 -2.83
CA ILE A 324 -14.48 14.85 -3.64
C ILE A 324 -15.57 13.90 -3.09
N LEU A 325 -15.17 12.68 -2.77
CA LEU A 325 -16.11 11.66 -2.28
C LEU A 325 -16.74 12.06 -0.99
N TYR A 326 -16.03 12.76 -0.11
CA TYR A 326 -16.57 13.07 1.23
C TYR A 326 -17.28 14.44 1.32
N SER A 327 -17.22 15.24 0.29
CA SER A 327 -17.73 16.59 0.31
C SER A 327 -19.27 16.61 0.33
N THR A 328 -19.76 17.78 0.72
CA THR A 328 -21.21 18.11 0.70
C THR A 328 -21.55 19.31 -0.20
N ASP A 329 -20.57 20.12 -0.56
CA ASP A 329 -20.77 21.17 -1.51
C ASP A 329 -21.69 20.67 -2.67
N PRO A 330 -22.81 21.37 -2.91
CA PRO A 330 -23.64 20.97 -4.05
C PRO A 330 -22.93 21.05 -5.42
N LYS A 331 -21.90 21.88 -5.55
CA LYS A 331 -21.22 22.06 -6.86
C LYS A 331 -20.34 20.85 -7.30
N LEU A 332 -20.05 19.95 -6.35
CA LEU A 332 -19.31 18.72 -6.53
C LEU A 332 -20.25 17.54 -6.57
N LYS A 333 -21.55 17.74 -6.59
CA LYS A 333 -22.42 16.58 -6.70
C LYS A 333 -22.07 15.72 -7.92
N ASP A 334 -21.90 16.32 -9.09
CA ASP A 334 -21.70 15.52 -10.32
C ASP A 334 -20.42 14.62 -10.17
N ALA A 335 -19.29 15.25 -9.81
CA ALA A 335 -18.04 14.55 -9.51
C ALA A 335 -18.21 13.49 -8.45
N ARG A 336 -18.89 13.84 -7.36
CA ARG A 336 -19.11 12.93 -6.28
C ARG A 336 -19.86 11.69 -6.73
N GLU A 337 -20.90 11.85 -7.54
CA GLU A 337 -21.76 10.71 -7.89
C GLU A 337 -21.04 9.68 -8.78
N ILE A 338 -20.11 10.15 -9.59
CA ILE A 338 -19.21 9.27 -10.34
C ILE A 338 -18.32 8.41 -9.39
N LEU A 339 -17.74 9.01 -8.33
CA LEU A 339 -16.93 8.26 -7.38
C LEU A 339 -17.77 7.26 -6.61
N LYS A 340 -18.99 7.65 -6.26
CA LYS A 340 -19.93 6.72 -5.68
C LYS A 340 -20.20 5.52 -6.59
N GLN A 341 -20.36 5.72 -7.90
CA GLN A 341 -20.57 4.60 -8.80
C GLN A 341 -19.33 3.60 -8.81
N ILE A 342 -18.10 4.12 -8.69
CA ILE A 342 -16.95 3.25 -8.45
C ILE A 342 -17.10 2.44 -7.13
N GLU A 343 -17.43 3.07 -6.01
CA GLU A 343 -17.55 2.36 -4.74
C GLU A 343 -18.56 1.24 -4.74
N TYR A 344 -19.71 1.49 -5.34
CA TYR A 344 -20.73 0.46 -5.50
C TYR A 344 -20.42 -0.44 -6.67
N ARG A 345 -19.35 -0.24 -7.42
CA ARG A 345 -19.01 -1.17 -8.51
C ARG A 345 -20.07 -1.17 -9.63
N ASN A 346 -20.65 0.00 -9.90
CA ASN A 346 -21.49 0.24 -11.06
C ASN A 346 -20.60 0.97 -12.05
N LEU A 347 -19.64 0.25 -12.60
CA LEU A 347 -18.68 0.80 -13.53
C LEU A 347 -19.31 0.78 -14.88
N PHE A 348 -18.76 1.58 -15.76
CA PHE A 348 -19.10 1.41 -17.15
C PHE A 348 -18.71 0.01 -17.56
N LYS A 349 -19.44 -0.51 -18.53
CA LYS A 349 -19.31 -1.91 -18.97
C LYS A 349 -18.35 -2.05 -20.12
N TYR A 350 -17.48 -3.03 -20.00
CA TYR A 350 -16.56 -3.37 -21.04
C TYR A 350 -17.34 -4.13 -22.13
N VAL A 351 -17.29 -3.59 -23.34
CA VAL A 351 -17.94 -4.24 -24.49
C VAL A 351 -16.98 -5.19 -25.22
N GLY A 352 -15.72 -4.79 -25.37
CA GLY A 352 -14.75 -5.62 -26.05
C GLY A 352 -13.54 -4.89 -26.52
N GLU A 353 -12.65 -5.69 -27.16
CA GLU A 353 -11.36 -5.21 -27.70
C GLU A 353 -11.26 -5.56 -29.15
N THR A 354 -10.63 -4.68 -29.90
CA THR A 354 -10.25 -5.01 -31.27
C THR A 354 -8.96 -4.31 -31.61
N GLN A 355 -8.37 -4.69 -32.73
CA GLN A 355 -7.21 -4.03 -33.27
C GLN A 355 -7.41 -3.71 -34.77
N PRO A 356 -6.76 -2.62 -35.24
CA PRO A 356 -6.65 -2.41 -36.67
C PRO A 356 -5.76 -3.45 -37.37
N THR A 357 -5.92 -3.52 -38.68
CA THR A 357 -5.25 -4.46 -39.56
C THR A 357 -4.59 -3.71 -40.73
N GLY A 358 -3.94 -4.45 -41.64
CA GLY A 358 -3.44 -3.89 -42.92
C GLY A 358 -2.32 -2.84 -42.79
N GLN A 359 -1.62 -2.86 -41.64
CA GLN A 359 -0.59 -1.88 -41.26
C GLN A 359 -1.15 -0.44 -41.04
N ILE A 360 -2.50 -0.28 -41.02
CA ILE A 360 -3.22 0.99 -40.79
C ILE A 360 -2.89 1.45 -39.36
N LYS A 361 -2.76 2.75 -39.08
CA LYS A 361 -2.66 3.24 -37.70
C LYS A 361 -3.76 4.23 -37.43
N ILE A 362 -4.35 4.18 -36.24
CA ILE A 362 -5.29 5.23 -35.84
C ILE A 362 -4.59 6.44 -35.25
N LYS A 363 -4.82 7.61 -35.85
CA LYS A 363 -4.08 8.83 -35.53
C LYS A 363 -4.75 9.50 -34.35
N ARG A 364 -3.95 10.20 -33.54
CA ARG A 364 -4.50 10.86 -32.36
C ARG A 364 -5.67 11.86 -32.62
N GLU A 365 -5.63 12.52 -33.79
CA GLU A 365 -6.65 13.50 -34.21
C GLU A 365 -8.03 12.87 -34.12
N ASP A 366 -8.12 11.75 -34.83
CA ASP A 366 -9.32 10.92 -34.91
C ASP A 366 -9.91 10.31 -33.60
N TYR A 367 -9.24 10.34 -32.44
CA TYR A 367 -9.74 9.57 -31.26
C TYR A 367 -11.15 9.99 -30.90
N GLU A 368 -11.37 11.30 -30.89
CA GLU A 368 -12.65 11.87 -30.48
C GLU A 368 -13.82 11.53 -31.40
N SER A 369 -13.50 11.14 -32.64
CA SER A 369 -14.51 10.78 -33.61
C SER A 369 -15.08 9.38 -33.43
N LEU A 370 -14.37 8.49 -32.70
CA LEU A 370 -14.67 7.03 -32.74
C LEU A 370 -15.95 6.58 -32.05
N PRO A 371 -16.28 7.16 -30.88
CA PRO A 371 -17.62 6.90 -30.29
C PRO A 371 -18.82 7.21 -31.26
N LYS A 372 -18.73 8.28 -32.06
CA LYS A 372 -19.74 8.57 -33.11
C LYS A 372 -19.78 7.43 -34.11
N GLU A 373 -18.61 7.01 -34.61
CA GLU A 373 -18.57 5.97 -35.62
C GLU A 373 -19.23 4.70 -35.07
N VAL A 374 -19.03 4.41 -33.78
CA VAL A 374 -19.62 3.20 -33.18
C VAL A 374 -21.14 3.34 -33.13
N ALA A 375 -21.60 4.54 -32.73
CA ALA A 375 -23.03 4.85 -32.60
C ALA A 375 -23.79 4.84 -33.97
N SER A 376 -23.08 5.19 -35.06
CA SER A 376 -23.60 5.14 -36.45
C SER A 376 -23.49 3.77 -37.10
N ALA A 377 -23.05 2.74 -36.42
CA ALA A 377 -23.06 1.43 -37.06
C ALA A 377 -24.55 1.02 -37.22
N LYS A 378 -24.86 0.31 -38.31
CA LYS A 378 -26.26 -0.07 -38.62
C LYS A 378 -26.32 -1.59 -38.60
N PRO A 379 -26.36 -2.19 -37.38
CA PRO A 379 -26.46 -3.67 -37.31
C PRO A 379 -27.86 -4.16 -37.72
N LYS A 380 -27.93 -5.28 -38.45
CA LYS A 380 -29.19 -5.77 -39.05
C LYS A 380 -30.24 -6.10 -38.01
N VAL A 381 -29.83 -6.78 -36.93
CA VAL A 381 -30.71 -7.11 -35.78
C VAL A 381 -31.34 -5.86 -35.13
N LEU A 382 -32.64 -5.88 -34.85
CA LEU A 382 -33.29 -4.69 -34.22
C LEU A 382 -33.31 -4.86 -32.70
N LEU A 383 -33.03 -3.77 -31.99
CA LEU A 383 -32.96 -3.82 -30.56
C LEU A 383 -33.77 -2.77 -29.85
N ASP A 384 -34.20 -3.14 -28.63
CA ASP A 384 -35.04 -2.36 -27.76
C ASP A 384 -34.64 -0.92 -27.47
N VAL A 385 -33.34 -0.60 -27.41
CA VAL A 385 -32.90 0.82 -27.19
C VAL A 385 -31.86 1.26 -28.23
N LYS A 386 -31.98 2.47 -28.78
CA LYS A 386 -30.96 3.07 -29.67
C LYS A 386 -29.91 3.73 -28.77
N LEU A 387 -28.70 3.95 -29.29
CA LEU A 387 -27.60 4.51 -28.46
C LEU A 387 -26.94 5.69 -29.19
N LYS A 388 -26.56 6.74 -28.44
CA LYS A 388 -25.93 7.98 -28.97
C LYS A 388 -24.40 7.85 -28.76
N ALA A 389 -23.63 8.77 -29.33
CA ALA A 389 -22.16 8.74 -29.19
C ALA A 389 -21.72 8.93 -27.74
N GLU A 390 -22.46 9.80 -27.04
CA GLU A 390 -22.29 10.08 -25.63
C GLU A 390 -22.17 8.80 -24.81
N ASP A 391 -22.83 7.71 -25.26
CA ASP A 391 -22.92 6.48 -24.47
C ASP A 391 -21.67 5.52 -24.55
N PHE A 392 -20.77 5.83 -25.50
CA PHE A 392 -19.64 4.98 -25.78
C PHE A 392 -18.33 5.65 -25.39
N ILE A 393 -17.41 4.85 -24.85
CA ILE A 393 -16.03 5.24 -24.66
C ILE A 393 -15.15 4.35 -25.56
N VAL A 394 -14.26 4.99 -26.30
CA VAL A 394 -13.31 4.27 -27.09
C VAL A 394 -11.93 4.70 -26.66
N ASP A 395 -11.14 3.74 -26.12
CA ASP A 395 -9.87 4.02 -25.41
C ASP A 395 -8.87 3.39 -26.34
N VAL A 396 -8.00 4.19 -26.93
CA VAL A 396 -6.98 3.67 -27.80
C VAL A 396 -5.66 3.58 -27.03
N ILE A 397 -5.02 2.42 -27.06
CA ILE A 397 -3.77 2.19 -26.33
C ILE A 397 -2.63 1.74 -27.24
N ASN A 398 -1.54 2.52 -27.20
CA ASN A 398 -0.38 2.35 -28.05
C ASN A 398 0.56 1.49 -27.23
N MET A 399 0.70 0.20 -27.59
CA MET A 399 1.57 -0.76 -26.92
C MET A 399 2.84 -0.89 -27.74
N ASP A 400 4.00 -0.72 -27.09
CA ASP A 400 5.24 -0.87 -27.78
C ASP A 400 6.43 -1.24 -26.88
N TYR A 401 7.64 -1.31 -27.48
CA TYR A 401 8.86 -1.70 -26.76
C TYR A 401 9.63 -0.45 -26.32
N GLY A 402 8.88 0.67 -26.29
CA GLY A 402 9.24 1.94 -25.65
C GLY A 402 9.94 2.89 -26.55
N MET A 403 9.97 2.56 -27.84
CA MET A 403 10.54 3.45 -28.87
C MET A 403 9.64 3.39 -30.12
N GLN A 404 8.33 3.59 -29.93
CA GLN A 404 7.35 3.56 -31.03
C GLN A 404 7.61 2.25 -31.84
N GLU A 405 7.92 2.31 -33.13
CA GLU A 405 8.04 1.13 -34.01
C GLU A 405 9.41 0.45 -33.99
N LYS A 406 10.39 1.02 -33.32
CA LYS A 406 11.72 0.50 -33.32
C LYS A 406 11.94 -0.60 -32.36
N ASN A 407 12.85 -1.47 -32.73
CA ASN A 407 13.35 -2.53 -31.92
C ASN A 407 14.47 -1.85 -31.06
N PRO A 408 14.26 -1.74 -29.72
CA PRO A 408 15.29 -1.13 -28.87
C PRO A 408 16.52 -1.93 -28.73
N ILE A 409 16.52 -3.22 -28.99
CA ILE A 409 17.81 -3.93 -28.93
C ILE A 409 18.73 -3.51 -30.10
N ASP A 410 18.20 -2.92 -31.17
CA ASP A 410 19.04 -2.27 -32.19
C ASP A 410 19.80 -1.08 -31.69
N HIS A 411 19.43 -0.54 -30.54
CA HIS A 411 20.11 0.62 -29.96
C HIS A 411 20.87 0.25 -28.70
N VAL A 412 21.23 -1.04 -28.58
CA VAL A 412 22.07 -1.49 -27.51
C VAL A 412 23.45 -1.87 -28.09
N SER A 413 24.48 -1.54 -27.34
CA SER A 413 25.77 -2.01 -27.68
C SER A 413 26.15 -3.17 -26.77
N PHE A 414 26.83 -4.16 -27.34
CA PHE A 414 27.35 -5.30 -26.64
C PHE A 414 28.84 -5.49 -26.67
N TYR A 415 29.39 -6.38 -25.87
CA TYR A 415 30.82 -6.70 -25.98
C TYR A 415 31.03 -8.19 -25.75
N CYS A 416 32.16 -8.69 -26.20
CA CYS A 416 32.49 -10.10 -26.22
C CYS A 416 33.60 -10.26 -25.25
N LYS A 417 33.68 -11.48 -24.72
CA LYS A 417 34.63 -11.88 -23.68
C LYS A 417 36.07 -11.68 -24.22
N THR A 418 36.26 -11.89 -25.51
CA THR A 418 37.59 -11.84 -26.11
C THR A 418 38.12 -10.42 -26.39
N ALA A 419 37.24 -9.41 -26.51
CA ALA A 419 37.65 -8.00 -26.76
C ALA A 419 36.72 -7.11 -25.91
N PRO A 420 36.96 -7.10 -24.59
CA PRO A 420 36.03 -6.44 -23.71
C PRO A 420 35.84 -4.94 -23.93
N ASN A 421 36.76 -4.30 -24.63
CA ASN A 421 36.72 -2.85 -24.86
C ASN A 421 36.13 -2.47 -26.19
N ARG A 422 35.73 -3.45 -26.98
CA ARG A 422 35.21 -3.28 -28.29
C ARG A 422 33.72 -3.53 -28.36
N ALA A 423 32.95 -2.48 -28.61
CA ALA A 423 31.54 -2.50 -28.76
C ALA A 423 31.09 -3.14 -30.08
N ILE A 424 29.96 -3.85 -30.12
CA ILE A 424 29.45 -4.48 -31.38
C ILE A 424 27.97 -4.37 -31.38
N ARG A 425 27.34 -4.70 -32.48
CA ARG A 425 25.90 -4.73 -32.57
C ARG A 425 25.49 -6.17 -32.78
N ILE A 426 24.24 -6.42 -32.45
CA ILE A 426 23.64 -7.74 -32.56
C ILE A 426 22.21 -7.49 -33.07
N THR A 427 21.89 -8.12 -34.17
CA THR A 427 20.62 -7.98 -34.84
C THR A 427 19.76 -9.11 -34.42
N LYS A 428 18.48 -8.87 -34.50
CA LYS A 428 17.42 -9.84 -34.31
C LYS A 428 17.68 -11.24 -34.90
N ASN A 429 18.00 -11.27 -36.21
CA ASN A 429 18.40 -12.50 -36.93
C ASN A 429 19.56 -13.34 -36.32
N GLN A 430 20.44 -12.67 -35.60
CA GLN A 430 21.53 -13.34 -34.88
C GLN A 430 21.07 -13.95 -33.57
N VAL A 431 19.81 -13.72 -33.16
CA VAL A 431 19.36 -14.15 -31.87
C VAL A 431 18.40 -15.31 -32.01
N SER A 432 17.28 -15.08 -32.69
CA SER A 432 16.21 -16.00 -32.78
C SER A 432 15.18 -15.62 -33.78
N GLN A 433 14.55 -16.60 -34.41
CA GLN A 433 13.32 -16.39 -35.23
C GLN A 433 12.00 -16.38 -34.46
N LEU A 434 12.02 -16.72 -33.19
CA LEU A 434 10.78 -16.73 -32.37
C LEU A 434 10.53 -15.39 -31.60
N LEU A 435 11.25 -14.35 -31.95
CA LEU A 435 11.04 -13.06 -31.42
C LEU A 435 9.93 -12.37 -32.19
N PRO A 436 9.40 -11.30 -31.60
CA PRO A 436 8.41 -10.51 -32.33
C PRO A 436 8.85 -9.97 -33.69
N GLU A 437 7.90 -9.88 -34.58
CA GLU A 437 8.20 -9.39 -35.95
C GLU A 437 8.05 -7.90 -35.97
N LYS A 438 7.11 -7.37 -35.18
CA LYS A 438 6.86 -5.95 -34.99
C LYS A 438 7.01 -5.54 -33.53
N PHE A 439 7.12 -4.24 -33.28
CA PHE A 439 7.41 -3.74 -31.94
C PHE A 439 6.43 -2.68 -31.48
N ALA A 440 5.34 -2.46 -32.20
CA ALA A 440 4.26 -1.55 -31.78
C ALA A 440 2.90 -1.98 -32.38
N GLU A 441 1.83 -1.81 -31.63
CA GLU A 441 0.51 -2.10 -32.08
C GLU A 441 -0.45 -1.23 -31.33
N GLN A 442 -1.75 -1.33 -31.67
CA GLN A 442 -2.72 -0.55 -30.99
C GLN A 442 -3.88 -1.45 -30.64
N LEU A 443 -4.38 -1.20 -29.43
CA LEU A 443 -5.53 -1.87 -28.90
C LEU A 443 -6.66 -0.86 -28.76
N ILE A 444 -7.84 -1.25 -29.20
CA ILE A 444 -8.98 -0.40 -29.06
C ILE A 444 -9.91 -1.10 -28.12
N ARG A 445 -10.27 -0.41 -27.01
CA ARG A 445 -11.27 -0.95 -26.11
C ARG A 445 -12.47 -0.10 -26.26
N VAL A 446 -13.63 -0.74 -26.19
CA VAL A 446 -14.89 -0.03 -26.23
C VAL A 446 -15.69 -0.36 -25.00
N TYR A 447 -16.20 0.70 -24.40
CA TYR A 447 -17.08 0.57 -23.26
C TYR A 447 -18.39 1.29 -23.47
N CYS A 448 -19.38 0.86 -22.72
CA CYS A 448 -20.69 1.54 -22.66
C CYS A 448 -21.06 2.14 -21.29
N LYS A 449 -21.47 3.41 -21.23
CA LYS A 449 -21.90 4.02 -19.98
C LYS A 449 -23.32 3.62 -19.57
N LYS A 450 -24.11 3.01 -20.46
CA LYS A 450 -25.40 2.51 -20.04
C LYS A 450 -25.22 1.07 -19.60
N VAL A 451 -25.55 0.81 -18.34
CA VAL A 451 -25.15 -0.43 -17.65
C VAL A 451 -26.22 -1.52 -17.57
N ASP A 452 -27.49 -1.23 -17.93
CA ASP A 452 -28.55 -2.28 -17.95
C ASP A 452 -28.33 -3.32 -19.05
N ARG A 453 -28.95 -4.49 -18.93
CA ARG A 453 -28.80 -5.60 -19.93
C ARG A 453 -29.20 -5.25 -21.36
N LYS A 454 -30.27 -4.50 -21.48
CA LYS A 454 -30.77 -4.14 -22.79
C LYS A 454 -29.78 -3.30 -23.55
N SER A 455 -29.23 -2.28 -22.90
CA SER A 455 -28.23 -1.40 -23.52
C SER A 455 -26.88 -2.09 -23.83
N LEU A 456 -26.48 -2.97 -22.93
CA LEU A 456 -25.27 -3.74 -23.07
C LEU A 456 -25.40 -4.65 -24.31
N TYR A 457 -26.56 -5.32 -24.44
CA TYR A 457 -26.79 -6.19 -25.58
C TYR A 457 -26.65 -5.35 -26.88
N ALA A 458 -27.22 -4.17 -26.85
CA ALA A 458 -27.12 -3.24 -27.99
C ALA A 458 -25.71 -2.80 -28.33
N ALA A 459 -25.02 -2.33 -27.32
CA ALA A 459 -23.63 -1.92 -27.48
C ALA A 459 -22.79 -3.05 -28.08
N ARG A 460 -23.07 -4.29 -27.70
CA ARG A 460 -22.37 -5.39 -28.29
C ARG A 460 -22.60 -5.52 -29.77
N GLN A 461 -23.83 -5.23 -30.23
CA GLN A 461 -24.16 -5.29 -31.66
C GLN A 461 -23.48 -4.12 -32.41
N TYR A 462 -23.66 -2.88 -31.95
CA TYR A 462 -22.98 -1.75 -32.54
C TYR A 462 -21.48 -2.01 -32.69
N PHE A 463 -20.85 -2.42 -31.58
CA PHE A 463 -19.39 -2.66 -31.55
C PHE A 463 -18.92 -3.67 -32.58
N VAL A 464 -19.56 -4.83 -32.61
CA VAL A 464 -19.17 -5.88 -33.55
C VAL A 464 -19.45 -5.48 -34.99
N GLN A 465 -20.55 -4.76 -35.23
CA GLN A 465 -20.79 -4.20 -36.55
C GLN A 465 -19.68 -3.23 -36.90
N TRP A 466 -19.31 -2.36 -35.97
CA TRP A 466 -18.25 -1.40 -36.28
C TRP A 466 -16.96 -2.12 -36.69
N CYS A 467 -16.61 -3.17 -35.96
CA CYS A 467 -15.38 -3.94 -36.27
C CYS A 467 -15.45 -4.55 -37.65
N ALA A 468 -16.60 -5.13 -38.01
CA ALA A 468 -16.87 -5.59 -39.40
C ALA A 468 -16.70 -4.45 -40.45
N ASP A 469 -17.34 -3.29 -40.19
CA ASP A 469 -17.24 -2.09 -41.04
C ASP A 469 -15.80 -1.56 -41.26
N ARG A 470 -14.93 -1.62 -40.24
CA ARG A 470 -13.58 -0.99 -40.34
C ARG A 470 -12.49 -1.99 -40.80
N ASN A 471 -12.94 -3.22 -40.99
CA ASN A 471 -12.08 -4.40 -41.17
C ASN A 471 -11.05 -4.57 -40.03
N PHE A 472 -11.52 -4.32 -38.79
CA PHE A 472 -10.73 -4.61 -37.61
C PHE A 472 -10.81 -6.09 -37.29
N THR A 473 -9.94 -6.57 -36.40
CA THR A 473 -9.94 -7.99 -35.98
C THR A 473 -11.24 -8.38 -35.31
N LYS A 474 -11.61 -9.65 -35.50
CA LYS A 474 -12.85 -10.20 -34.96
C LYS A 474 -12.65 -10.27 -33.46
N PRO A 475 -13.50 -9.56 -32.69
CA PRO A 475 -13.42 -9.69 -31.26
C PRO A 475 -13.54 -11.13 -30.82
N GLN A 476 -12.83 -11.45 -29.76
CA GLN A 476 -12.57 -12.81 -29.35
C GLN A 476 -13.84 -13.57 -29.06
N ASP A 477 -14.76 -12.87 -28.37
CA ASP A 477 -16.10 -13.42 -28.07
C ASP A 477 -17.21 -13.06 -29.10
N GLY A 478 -16.82 -12.58 -30.29
CA GLY A 478 -17.76 -12.09 -31.33
C GLY A 478 -18.93 -12.98 -31.65
N ASP A 479 -18.66 -14.28 -31.83
CA ASP A 479 -19.72 -15.23 -32.22
C ASP A 479 -20.73 -15.38 -31.10
N VAL A 480 -20.24 -15.24 -29.87
CA VAL A 480 -21.09 -15.34 -28.71
C VAL A 480 -21.87 -14.06 -28.43
N ILE A 481 -21.22 -12.89 -28.49
CA ILE A 481 -21.93 -11.66 -28.12
C ILE A 481 -22.77 -11.09 -29.28
N ALA A 482 -22.43 -11.43 -30.52
CA ALA A 482 -23.13 -10.87 -31.65
C ALA A 482 -23.25 -11.90 -32.75
N PRO A 483 -23.95 -13.03 -32.48
CA PRO A 483 -24.10 -14.21 -33.37
C PRO A 483 -24.75 -13.92 -34.73
N LEU A 484 -25.58 -12.89 -34.72
CA LEU A 484 -26.23 -12.40 -35.93
C LEU A 484 -25.30 -11.61 -36.83
N ILE A 485 -24.12 -11.21 -36.34
CA ILE A 485 -23.30 -10.25 -37.05
C ILE A 485 -21.98 -10.77 -37.59
N THR A 486 -21.34 -11.71 -36.91
CA THR A 486 -20.08 -12.29 -37.38
C THR A 486 -20.17 -13.13 -38.68
N PRO A 487 -21.37 -13.65 -39.07
CA PRO A 487 -21.68 -14.07 -40.44
C PRO A 487 -21.43 -13.08 -41.58
N GLN A 488 -21.75 -11.78 -41.41
CA GLN A 488 -21.42 -10.66 -42.37
C GLN A 488 -20.04 -10.78 -43.04
N LYS A 489 -19.01 -11.09 -42.27
CA LYS A 489 -17.63 -11.24 -42.80
C LYS A 489 -17.24 -12.72 -43.03
N LYS A 490 -17.12 -13.12 -44.31
CA LYS A 490 -16.63 -14.46 -44.74
C LYS A 490 -15.23 -14.74 -44.16
N GLU A 491 -14.40 -13.69 -44.13
CA GLU A 491 -13.04 -13.71 -43.56
C GLU A 491 -12.97 -14.15 -42.06
N TRP A 492 -14.09 -14.16 -41.32
CA TRP A 492 -14.13 -14.57 -39.90
C TRP A 492 -14.66 -16.03 -39.61
N ASN A 493 -14.81 -16.85 -40.65
CA ASN A 493 -14.87 -18.34 -40.55
C ASN A 493 -13.55 -18.94 -39.96
N THR B 8 -22.60 -17.01 -10.28
CA THR B 8 -21.23 -17.64 -10.33
C THR B 8 -20.16 -16.81 -9.55
N MET B 9 -18.96 -17.37 -9.47
CA MET B 9 -17.95 -16.83 -8.56
C MET B 9 -17.18 -15.71 -9.26
N LYS B 10 -16.73 -14.77 -8.47
CA LYS B 10 -15.84 -13.74 -8.93
C LYS B 10 -14.50 -14.07 -8.34
N VAL B 11 -13.46 -13.89 -9.13
CA VAL B 11 -12.11 -14.26 -8.76
C VAL B 11 -11.27 -12.98 -8.64
N ILE B 12 -10.52 -12.92 -7.55
CA ILE B 12 -9.65 -11.77 -7.28
C ILE B 12 -8.26 -12.23 -6.95
N ASN B 13 -7.25 -11.57 -7.49
CA ASN B 13 -5.90 -11.94 -7.27
C ASN B 13 -5.22 -11.11 -6.11
N ASP B 14 -4.89 -11.84 -5.07
CA ASP B 14 -4.29 -11.33 -3.87
C ASP B 14 -2.82 -11.84 -3.85
N PRO B 15 -1.84 -10.96 -3.57
CA PRO B 15 -0.48 -11.42 -3.66
C PRO B 15 -0.14 -12.46 -2.59
N ILE B 16 -0.81 -12.48 -1.48
CA ILE B 16 -0.54 -13.42 -0.45
C ILE B 16 -1.23 -14.74 -0.74
N HIS B 17 -2.56 -14.75 -0.99
CA HIS B 17 -3.30 -15.96 -1.12
C HIS B 17 -3.55 -16.39 -2.54
N GLY B 18 -3.12 -15.62 -3.54
CA GLY B 18 -3.31 -16.01 -4.90
C GLY B 18 -4.78 -15.78 -5.32
N HIS B 19 -5.30 -16.60 -6.26
CA HIS B 19 -6.64 -16.35 -6.81
C HIS B 19 -7.69 -16.88 -5.85
N ILE B 20 -8.52 -15.95 -5.35
CA ILE B 20 -9.61 -16.35 -4.52
C ILE B 20 -10.99 -16.08 -5.08
N GLU B 21 -11.88 -17.03 -4.78
CA GLU B 21 -13.30 -17.09 -5.28
C GLU B 21 -14.18 -16.43 -4.25
N LEU B 22 -15.05 -15.54 -4.71
CA LEU B 22 -15.93 -14.77 -3.84
C LEU B 22 -17.38 -15.04 -4.29
N HIS B 23 -18.15 -15.59 -3.40
CA HIS B 23 -19.55 -15.92 -3.63
C HIS B 23 -20.30 -14.61 -3.86
N PRO B 24 -21.33 -14.62 -4.74
CA PRO B 24 -21.94 -13.32 -5.07
C PRO B 24 -22.50 -12.55 -3.89
N LEU B 25 -22.92 -13.21 -2.82
CA LEU B 25 -23.27 -12.52 -1.58
C LEU B 25 -22.13 -11.72 -0.97
N LEU B 26 -20.94 -12.29 -1.02
CA LEU B 26 -19.74 -11.63 -0.55
C LEU B 26 -19.42 -10.40 -1.40
N VAL B 27 -19.57 -10.51 -2.71
CA VAL B 27 -19.41 -9.39 -3.66
C VAL B 27 -20.30 -8.19 -3.33
N ARG B 28 -21.57 -8.48 -3.12
CA ARG B 28 -22.55 -7.49 -2.66
C ARG B 28 -22.11 -6.84 -1.35
N ILE B 29 -21.54 -7.57 -0.39
CA ILE B 29 -21.12 -6.92 0.86
C ILE B 29 -19.86 -6.06 0.64
N ILE B 30 -18.96 -6.58 -0.17
CA ILE B 30 -17.79 -5.87 -0.53
C ILE B 30 -18.01 -4.56 -1.25
N ASN B 31 -18.97 -4.51 -2.16
CA ASN B 31 -19.12 -3.34 -3.01
C ASN B 31 -20.08 -2.36 -2.41
N THR B 32 -19.67 -1.88 -1.23
CA THR B 32 -20.46 -0.92 -0.43
C THR B 32 -19.53 0.14 0.08
N PRO B 33 -20.03 1.38 0.39
CA PRO B 33 -19.06 2.36 0.95
C PRO B 33 -18.49 1.92 2.30
N GLN B 34 -19.20 1.08 3.04
CA GLN B 34 -18.82 0.74 4.42
C GLN B 34 -17.65 -0.25 4.37
N PHE B 35 -17.66 -1.13 3.35
CA PHE B 35 -16.57 -2.07 3.09
C PHE B 35 -15.40 -1.36 2.41
N GLN B 36 -15.68 -0.59 1.38
CA GLN B 36 -14.64 0.03 0.56
C GLN B 36 -13.79 1.06 1.30
N ARG B 37 -14.37 1.67 2.32
CA ARG B 37 -13.69 2.53 3.31
C ARG B 37 -12.40 1.95 3.80
N LEU B 38 -12.36 0.62 3.91
CA LEU B 38 -11.16 -0.02 4.38
C LEU B 38 -9.94 0.07 3.45
N ARG B 39 -10.12 0.54 2.22
CA ARG B 39 -9.01 0.82 1.29
C ARG B 39 -8.20 2.02 1.76
N TYR B 40 -8.69 2.76 2.73
CA TYR B 40 -8.17 4.09 3.11
C TYR B 40 -7.72 4.12 4.56
N ILE B 41 -7.51 2.94 5.15
CA ILE B 41 -6.98 2.78 6.50
C ILE B 41 -5.76 1.77 6.50
N LYS B 42 -4.58 2.32 6.77
CA LYS B 42 -3.39 1.50 6.73
C LYS B 42 -3.41 0.47 7.85
N GLN B 43 -3.07 -0.76 7.54
CA GLN B 43 -3.07 -1.88 8.47
C GLN B 43 -2.15 -1.58 9.67
N LEU B 44 -0.95 -1.14 9.40
CA LEU B 44 0.02 -0.81 10.41
C LEU B 44 0.10 0.64 10.85
N GLY B 45 -0.80 1.50 10.42
CA GLY B 45 -0.86 2.88 10.90
C GLY B 45 0.42 3.58 10.72
N GLY B 46 0.96 4.08 11.82
CA GLY B 46 2.22 4.82 11.77
C GLY B 46 3.40 4.01 11.27
N GLY B 47 3.25 2.66 11.24
CA GLY B 47 4.36 1.80 10.76
C GLY B 47 4.84 2.09 9.37
N TYR B 48 4.02 2.67 8.52
CA TYR B 48 4.48 2.97 7.13
C TYR B 48 5.54 3.99 7.13
N TYR B 49 5.54 4.86 8.13
CA TYR B 49 6.52 5.91 8.27
C TYR B 49 7.85 5.40 8.79
N VAL B 50 7.94 4.09 9.12
CA VAL B 50 9.20 3.40 9.45
C VAL B 50 9.55 2.29 8.45
N PHE B 51 8.53 1.54 8.01
CA PHE B 51 8.73 0.46 7.09
C PHE B 51 7.98 0.87 5.82
N PRO B 52 8.73 1.31 4.77
CA PRO B 52 8.15 1.88 3.59
C PRO B 52 7.46 0.84 2.75
N GLY B 53 7.67 -0.42 3.01
CA GLY B 53 6.84 -1.39 2.27
C GLY B 53 5.44 -1.50 2.86
N ALA B 54 5.20 -0.97 4.05
CA ALA B 54 3.89 -1.18 4.76
C ALA B 54 2.80 -0.18 4.49
N SER B 55 2.47 -0.15 3.22
CA SER B 55 1.45 0.64 2.58
C SER B 55 0.14 -0.14 2.48
N HIS B 56 0.13 -1.39 2.94
CA HIS B 56 -1.11 -2.19 2.84
C HIS B 56 -2.24 -1.73 3.79
N ASN B 57 -3.44 -1.78 3.27
CA ASN B 57 -4.65 -1.33 4.00
C ASN B 57 -5.50 -2.46 4.54
N ARG B 58 -6.53 -2.12 5.33
CA ARG B 58 -7.37 -3.11 5.95
C ARG B 58 -8.17 -3.86 4.97
N PHE B 59 -8.47 -3.24 3.84
CA PHE B 59 -9.28 -3.89 2.79
C PHE B 59 -8.77 -5.27 2.38
N GLU B 60 -7.51 -5.34 1.94
CA GLU B 60 -6.91 -6.55 1.47
C GLU B 60 -6.79 -7.55 2.60
N HIS B 61 -6.55 -7.08 3.82
CA HIS B 61 -6.46 -7.99 4.97
C HIS B 61 -7.83 -8.66 5.15
N SER B 62 -8.86 -7.84 5.05
CA SER B 62 -10.24 -8.35 5.21
C SER B 62 -10.59 -9.40 4.18
N LEU B 63 -10.24 -9.19 2.94
CA LEU B 63 -10.41 -10.25 1.90
C LEU B 63 -9.68 -11.52 2.29
N GLY B 64 -8.52 -11.37 2.84
CA GLY B 64 -7.76 -12.55 3.27
C GLY B 64 -8.31 -13.33 4.42
N VAL B 65 -8.77 -12.58 5.41
CA VAL B 65 -9.39 -13.24 6.54
C VAL B 65 -10.63 -13.99 6.06
N GLY B 66 -11.40 -13.37 5.18
CA GLY B 66 -12.59 -13.99 4.68
C GLY B 66 -12.26 -15.25 3.95
N TYR B 67 -11.20 -15.21 3.13
CA TYR B 67 -10.87 -16.38 2.35
C TYR B 67 -10.36 -17.49 3.27
N LEU B 68 -9.44 -17.16 4.21
CA LEU B 68 -8.91 -18.19 5.10
C LEU B 68 -10.03 -18.80 5.95
N ALA B 69 -11.00 -18.03 6.35
CA ALA B 69 -12.05 -18.49 7.23
C ALA B 69 -12.85 -19.59 6.51
N GLY B 70 -13.08 -19.41 5.22
CA GLY B 70 -13.69 -20.40 4.35
C GLY B 70 -12.82 -21.59 4.09
N CYS B 71 -11.51 -21.40 3.93
CA CYS B 71 -10.64 -22.55 3.76
C CYS B 71 -10.70 -23.46 5.01
N LEU B 72 -10.64 -22.86 6.18
CA LEU B 72 -10.62 -23.63 7.40
C LEU B 72 -12.01 -24.34 7.56
N VAL B 73 -13.10 -23.61 7.51
CA VAL B 73 -14.41 -24.24 7.59
C VAL B 73 -14.62 -25.31 6.53
N HIS B 74 -14.30 -25.10 5.23
CA HIS B 74 -14.38 -26.19 4.20
C HIS B 74 -13.54 -27.40 4.55
N ALA B 75 -12.29 -27.19 4.95
CA ALA B 75 -11.43 -28.33 5.27
C ALA B 75 -12.04 -29.23 6.39
N LEU B 76 -12.61 -28.62 7.40
CA LEU B 76 -13.28 -29.35 8.45
C LEU B 76 -14.46 -30.17 7.92
N GLY B 77 -15.30 -29.53 7.10
CA GLY B 77 -16.41 -30.12 6.41
C GLY B 77 -16.04 -31.28 5.50
N GLU B 78 -14.95 -31.16 4.72
CA GLU B 78 -14.54 -32.24 3.82
C GLU B 78 -14.18 -33.44 4.69
N LYS B 79 -13.37 -33.24 5.70
CA LYS B 79 -12.85 -34.37 6.40
C LYS B 79 -13.86 -34.98 7.35
N GLN B 80 -14.80 -34.19 7.83
CA GLN B 80 -15.77 -34.66 8.83
C GLN B 80 -17.24 -34.27 8.46
N PRO B 81 -17.84 -34.99 7.46
CA PRO B 81 -19.27 -34.78 7.06
C PRO B 81 -20.21 -34.90 8.24
N GLU B 82 -19.83 -35.76 9.19
CA GLU B 82 -20.63 -35.94 10.41
C GLU B 82 -20.90 -34.66 11.18
N LEU B 83 -20.10 -33.60 10.98
CA LEU B 83 -20.28 -32.32 11.68
C LEU B 83 -21.47 -31.53 11.18
N GLN B 84 -21.94 -31.84 9.99
CA GLN B 84 -23.13 -31.21 9.42
C GLN B 84 -22.89 -29.73 9.14
N ILE B 85 -21.73 -29.42 8.60
CA ILE B 85 -21.42 -28.03 8.26
C ILE B 85 -22.15 -27.77 6.94
N SER B 86 -23.04 -26.79 6.96
CA SER B 86 -23.86 -26.49 5.78
C SER B 86 -23.21 -25.38 4.96
N GLU B 87 -23.75 -25.13 3.77
CA GLU B 87 -23.30 -24.03 2.94
C GLU B 87 -23.66 -22.71 3.60
N ARG B 88 -24.76 -22.71 4.28
CA ARG B 88 -25.13 -21.60 5.14
C ARG B 88 -24.02 -21.21 6.19
N ASP B 89 -23.53 -22.23 6.93
CA ASP B 89 -22.50 -22.04 7.92
C ASP B 89 -21.24 -21.44 7.26
N VAL B 90 -20.80 -22.09 6.18
CA VAL B 90 -19.62 -21.68 5.43
C VAL B 90 -19.70 -20.18 5.07
N LEU B 91 -20.86 -19.78 4.54
CA LEU B 91 -21.02 -18.41 4.13
C LEU B 91 -21.00 -17.43 5.30
N CYS B 92 -21.68 -17.77 6.38
CA CYS B 92 -21.61 -16.94 7.57
C CYS B 92 -20.18 -16.81 8.08
N VAL B 93 -19.38 -17.85 7.97
CA VAL B 93 -18.02 -17.79 8.51
C VAL B 93 -17.21 -16.84 7.58
N GLN B 94 -17.44 -17.00 6.29
CA GLN B 94 -16.82 -16.13 5.31
C GLN B 94 -17.17 -14.68 5.48
N ILE B 95 -18.41 -14.40 5.77
CA ILE B 95 -18.83 -13.03 6.00
C ILE B 95 -18.23 -12.50 7.28
N ALA B 96 -18.11 -13.32 8.33
CA ALA B 96 -17.58 -12.78 9.55
C ALA B 96 -16.09 -12.42 9.31
N GLY B 97 -15.40 -13.27 8.55
CA GLY B 97 -14.00 -13.02 8.28
C GLY B 97 -13.79 -11.77 7.51
N LEU B 98 -14.63 -11.65 6.50
CA LEU B 98 -14.63 -10.51 5.64
C LEU B 98 -14.90 -9.25 6.31
N CYS B 99 -15.78 -9.26 7.33
CA CYS B 99 -16.29 -8.05 7.96
C CYS B 99 -15.74 -7.78 9.33
N HIS B 100 -14.75 -8.58 9.75
CA HIS B 100 -14.31 -8.57 11.13
C HIS B 100 -13.65 -7.29 11.51
N ASP B 101 -13.13 -6.56 10.55
CA ASP B 101 -12.32 -5.39 10.85
C ASP B 101 -12.95 -4.13 10.27
N LEU B 102 -14.22 -4.16 9.98
CA LEU B 102 -14.92 -2.98 9.47
C LEU B 102 -14.93 -1.77 10.44
N GLY B 103 -14.68 -2.00 11.76
CA GLY B 103 -14.68 -0.91 12.75
C GLY B 103 -13.33 -0.28 13.05
N HIS B 104 -12.28 -0.67 12.35
CA HIS B 104 -11.02 0.05 12.57
C HIS B 104 -11.17 1.48 12.11
N GLY B 105 -10.47 2.36 12.77
CA GLY B 105 -10.50 3.78 12.45
C GLY B 105 -9.13 4.09 11.89
N PRO B 106 -8.89 5.41 11.64
CA PRO B 106 -7.70 5.95 11.08
C PRO B 106 -6.49 5.33 11.75
N PHE B 107 -5.57 4.79 10.95
CA PHE B 107 -4.28 4.25 11.44
C PHE B 107 -4.51 3.07 12.36
N SER B 108 -5.65 2.40 12.15
CA SER B 108 -5.97 1.13 12.79
C SER B 108 -5.86 1.23 14.29
N HIS B 109 -4.95 0.48 14.90
CA HIS B 109 -4.83 0.38 16.36
C HIS B 109 -4.41 1.67 17.02
N MET B 110 -3.88 2.62 16.26
CA MET B 110 -3.67 3.92 16.85
C MET B 110 -5.04 4.49 17.36
N PHE B 111 -6.11 4.25 16.61
CA PHE B 111 -7.37 4.88 16.87
C PHE B 111 -8.06 4.34 18.12
N ASP B 112 -8.15 3.02 18.24
CA ASP B 112 -8.73 2.41 19.51
C ASP B 112 -7.74 2.21 20.65
N GLY B 113 -6.44 2.15 20.33
CA GLY B 113 -5.34 1.96 21.36
C GLY B 113 -4.90 3.27 22.00
N ARG B 114 -4.97 4.39 21.27
CA ARG B 114 -4.44 5.64 21.81
C ARG B 114 -5.49 6.76 21.73
N PHE B 115 -6.07 7.04 20.56
CA PHE B 115 -6.90 8.23 20.43
C PHE B 115 -8.23 8.22 21.23
N ILE B 116 -9.07 7.23 21.00
CA ILE B 116 -10.32 7.16 21.73
C ILE B 116 -10.15 7.10 23.24
N PRO B 117 -9.16 6.32 23.77
CA PRO B 117 -8.91 6.37 25.23
C PRO B 117 -8.52 7.72 25.83
N LEU B 118 -7.68 8.51 25.18
CA LEU B 118 -7.41 9.86 25.62
C LEU B 118 -8.58 10.86 25.38
N ALA B 119 -9.28 10.77 24.25
CA ALA B 119 -10.22 11.80 23.85
C ALA B 119 -11.59 11.63 24.51
N ARG B 120 -11.91 10.38 24.84
CA ARG B 120 -13.15 10.04 25.41
C ARG B 120 -12.98 8.92 26.45
N PRO B 121 -12.32 9.24 27.59
CA PRO B 121 -12.01 8.25 28.68
C PRO B 121 -13.21 7.56 29.28
N GLU B 122 -14.37 8.20 29.17
CA GLU B 122 -15.62 7.74 29.70
C GLU B 122 -16.34 6.62 28.92
N VAL B 123 -15.79 6.14 27.78
CA VAL B 123 -16.35 5.00 27.01
C VAL B 123 -15.39 3.80 27.11
N LYS B 124 -15.94 2.58 27.06
CA LYS B 124 -15.16 1.38 26.74
C LYS B 124 -15.58 1.04 25.28
N TRP B 125 -14.67 1.29 24.34
CA TRP B 125 -14.86 1.10 22.91
C TRP B 125 -13.67 0.33 22.32
N THR B 126 -13.94 -0.52 21.34
CA THR B 126 -12.92 -1.28 20.65
C THR B 126 -13.29 -1.34 19.19
N HIS B 127 -12.29 -1.55 18.31
CA HIS B 127 -12.61 -1.64 16.87
C HIS B 127 -13.63 -2.77 16.63
N GLU B 128 -13.55 -3.83 17.42
CA GLU B 128 -14.44 -4.98 17.22
C GLU B 128 -15.91 -4.58 17.44
N GLN B 129 -16.18 -3.71 18.40
CA GLN B 129 -17.56 -3.22 18.61
C GLN B 129 -17.90 -2.38 17.45
N GLY B 130 -17.00 -1.46 17.07
CA GLY B 130 -17.09 -0.76 15.78
C GLY B 130 -17.50 -1.68 14.62
N SER B 131 -16.95 -2.89 14.56
CA SER B 131 -17.16 -3.73 13.42
C SER B 131 -18.62 -4.25 13.41
N VAL B 132 -19.11 -4.60 14.57
CA VAL B 132 -20.48 -5.06 14.76
C VAL B 132 -21.46 -3.97 14.35
N MET B 133 -21.21 -2.73 14.77
CA MET B 133 -22.08 -1.59 14.41
C MET B 133 -21.97 -1.24 12.92
N MET B 134 -20.75 -1.21 12.42
CA MET B 134 -20.56 -0.94 10.99
C MET B 134 -21.15 -2.03 10.14
N PHE B 135 -21.11 -3.28 10.60
CA PHE B 135 -21.70 -4.39 9.83
C PHE B 135 -23.22 -4.20 9.71
N GLU B 136 -23.87 -3.89 10.83
CA GLU B 136 -25.26 -3.50 10.92
C GLU B 136 -25.61 -2.36 9.91
N HIS B 137 -24.85 -1.28 9.91
CA HIS B 137 -25.11 -0.16 9.04
C HIS B 137 -24.94 -0.56 7.57
N LEU B 138 -23.98 -1.42 7.29
CA LEU B 138 -23.74 -1.88 5.96
C LEU B 138 -24.95 -2.67 5.45
N ILE B 139 -25.36 -3.66 6.23
CA ILE B 139 -26.51 -4.49 5.93
C ILE B 139 -27.77 -3.64 5.72
N ASN B 140 -28.02 -2.74 6.69
CA ASN B 140 -29.27 -1.97 6.73
C ASN B 140 -29.31 -0.97 5.61
N SER B 141 -28.19 -0.34 5.24
CA SER B 141 -28.22 0.72 4.23
C SER B 141 -27.91 0.20 2.81
N ASN B 142 -27.71 -1.09 2.60
CA ASN B 142 -27.45 -1.57 1.20
C ASN B 142 -28.34 -2.71 0.75
N GLY B 143 -29.47 -2.93 1.45
CA GLY B 143 -30.42 -3.97 1.09
C GLY B 143 -29.85 -5.38 1.14
N ILE B 144 -28.93 -5.66 2.05
CA ILE B 144 -28.28 -6.96 2.04
C ILE B 144 -29.19 -8.10 2.55
N LYS B 145 -30.10 -7.82 3.52
CA LYS B 145 -30.97 -8.90 4.09
C LYS B 145 -31.75 -9.75 3.04
N PRO B 146 -32.32 -9.11 2.02
CA PRO B 146 -32.95 -9.96 1.00
C PRO B 146 -31.98 -10.86 0.19
N VAL B 147 -30.76 -10.35 -0.03
CA VAL B 147 -29.73 -11.12 -0.75
C VAL B 147 -29.24 -12.33 0.09
N MET B 148 -29.10 -12.16 1.40
CA MET B 148 -28.92 -13.31 2.29
C MET B 148 -30.01 -14.38 2.14
N GLU B 149 -31.27 -13.93 2.11
CA GLU B 149 -32.41 -14.87 2.07
C GLU B 149 -32.38 -15.59 0.79
N GLN B 150 -32.11 -14.86 -0.28
CA GLN B 150 -31.89 -15.44 -1.60
C GLN B 150 -30.85 -16.63 -1.62
N TYR B 151 -29.84 -16.63 -0.77
CA TYR B 151 -28.86 -17.74 -0.70
C TYR B 151 -29.00 -18.73 0.46
N GLY B 152 -30.15 -18.72 1.15
CA GLY B 152 -30.45 -19.73 2.13
C GLY B 152 -30.08 -19.33 3.53
N LEU B 153 -29.64 -18.07 3.70
CA LEU B 153 -29.35 -17.59 5.03
C LEU B 153 -30.63 -17.08 5.64
N ILE B 154 -30.63 -17.03 6.97
CA ILE B 154 -31.75 -16.61 7.76
C ILE B 154 -31.29 -15.47 8.60
N PRO B 155 -31.62 -14.23 8.22
CA PRO B 155 -30.99 -13.17 8.97
C PRO B 155 -31.22 -13.07 10.49
N GLU B 156 -32.40 -13.41 11.06
CA GLU B 156 -32.54 -13.25 12.52
C GLU B 156 -31.36 -14.02 13.18
N GLU B 157 -31.24 -15.30 12.80
CA GLU B 157 -30.17 -16.17 13.32
C GLU B 157 -28.75 -15.80 12.85
N ASP B 158 -28.56 -15.68 11.54
CA ASP B 158 -27.24 -15.51 10.90
C ASP B 158 -26.55 -14.14 11.12
N ILE B 159 -27.30 -13.05 11.19
CA ILE B 159 -26.70 -11.79 11.53
C ILE B 159 -26.10 -11.87 12.90
N CYS B 160 -26.84 -12.50 13.79
CA CYS B 160 -26.41 -12.68 15.15
C CYS B 160 -25.16 -13.54 15.19
N PHE B 161 -25.18 -14.68 14.49
CA PHE B 161 -24.00 -15.54 14.34
C PHE B 161 -22.73 -14.80 13.91
N ILE B 162 -22.84 -14.07 12.82
CA ILE B 162 -21.76 -13.24 12.32
C ILE B 162 -21.22 -12.26 13.35
N LYS B 163 -22.11 -11.51 13.99
CA LYS B 163 -21.65 -10.55 14.97
C LYS B 163 -20.92 -11.24 16.12
N GLU B 164 -21.46 -12.34 16.60
CA GLU B 164 -20.86 -13.10 17.67
C GLU B 164 -19.44 -13.63 17.36
N GLN B 165 -19.21 -14.00 16.10
CA GLN B 165 -17.88 -14.45 15.64
C GLN B 165 -16.87 -13.37 15.71
N ILE B 166 -17.30 -12.14 15.47
CA ILE B 166 -16.38 -11.00 15.45
C ILE B 166 -16.07 -10.50 16.84
N VAL B 167 -17.11 -10.34 17.65
CA VAL B 167 -16.99 -9.65 18.92
C VAL B 167 -17.09 -10.54 20.14
N GLY B 168 -17.56 -11.78 19.99
CA GLY B 168 -17.90 -12.66 21.12
C GLY B 168 -19.35 -12.50 21.52
N PRO B 169 -19.77 -13.06 22.66
CA PRO B 169 -21.18 -12.91 23.11
C PRO B 169 -21.63 -11.45 23.42
N LEU B 170 -22.93 -11.16 23.26
CA LEU B 170 -23.48 -9.77 23.14
C LEU B 170 -24.08 -9.06 24.37
N LEU B 178 -23.53 -21.96 31.47
CA LEU B 178 -24.47 -22.45 30.45
C LEU B 178 -23.71 -22.10 29.15
N TRP B 179 -24.39 -21.94 28.03
CA TRP B 179 -23.77 -21.70 26.68
C TRP B 179 -24.17 -20.29 26.27
N PRO B 180 -23.20 -19.38 26.06
CA PRO B 180 -23.54 -17.96 25.87
C PRO B 180 -23.90 -17.46 24.46
N TYR B 181 -24.01 -18.33 23.46
CA TYR B 181 -24.31 -17.87 22.10
C TYR B 181 -25.76 -18.12 21.58
N LYS B 182 -26.30 -17.09 20.93
CA LYS B 182 -27.64 -17.11 20.36
C LYS B 182 -27.60 -17.43 18.85
N GLY B 183 -26.44 -17.61 18.24
CA GLY B 183 -26.42 -17.75 16.76
C GLY B 183 -26.24 -19.18 16.25
N ARG B 184 -25.58 -19.99 17.06
CA ARG B 184 -25.40 -21.42 16.80
C ARG B 184 -25.34 -22.16 18.17
N PRO B 185 -25.72 -23.44 18.17
CA PRO B 185 -25.63 -24.27 19.37
C PRO B 185 -24.28 -24.93 19.57
N GLU B 186 -24.14 -25.53 20.76
CA GLU B 186 -22.93 -26.25 21.19
C GLU B 186 -22.37 -27.30 20.21
N ASN B 187 -23.24 -27.88 19.38
CA ASN B 187 -22.81 -28.83 18.34
C ASN B 187 -22.11 -28.15 17.12
N LYS B 188 -22.10 -26.82 17.15
CA LYS B 188 -21.34 -26.01 16.23
C LYS B 188 -20.37 -24.96 16.87
N SER B 189 -19.89 -25.21 18.11
CA SER B 189 -19.00 -24.26 18.80
C SER B 189 -17.69 -24.04 18.05
N PHE B 190 -17.18 -25.09 17.43
CA PHE B 190 -15.99 -24.99 16.60
C PHE B 190 -16.01 -23.82 15.64
N LEU B 191 -17.18 -23.47 15.13
CA LEU B 191 -17.31 -22.35 14.21
C LEU B 191 -16.94 -21.01 14.78
N TYR B 192 -17.10 -20.82 16.08
CA TYR B 192 -16.64 -19.62 16.76
C TYR B 192 -15.14 -19.52 16.92
N GLU B 193 -14.42 -20.61 16.66
CA GLU B 193 -12.96 -20.66 16.86
C GLU B 193 -12.14 -20.28 15.59
N ILE B 194 -12.78 -19.84 14.52
CA ILE B 194 -12.16 -19.61 13.21
C ILE B 194 -11.68 -18.13 12.98
N VAL B 195 -12.60 -17.19 13.14
CA VAL B 195 -12.35 -15.79 12.85
C VAL B 195 -11.67 -15.06 14.02
N SER B 196 -12.17 -15.31 15.21
CA SER B 196 -11.64 -14.73 16.39
C SER B 196 -11.86 -15.73 17.54
N ASN B 197 -10.77 -16.32 17.99
CA ASN B 197 -10.75 -17.49 18.85
C ASN B 197 -10.53 -16.98 20.27
N LYS B 198 -11.61 -16.92 21.06
CA LYS B 198 -11.54 -16.39 22.45
C LYS B 198 -10.99 -17.43 23.41
N ARG B 199 -11.04 -18.70 23.02
CA ARG B 199 -10.45 -19.80 23.82
C ARG B 199 -8.91 -19.68 23.95
N ASN B 200 -8.21 -19.51 22.83
CA ASN B 200 -6.74 -19.48 22.82
C ASN B 200 -6.04 -18.55 21.78
N GLY B 201 -6.80 -17.83 20.97
CA GLY B 201 -6.28 -16.87 20.03
C GLY B 201 -5.76 -17.41 18.69
N ILE B 202 -5.81 -18.73 18.51
CA ILE B 202 -5.37 -19.35 17.30
C ILE B 202 -6.50 -19.21 16.23
N ASP B 203 -6.42 -18.18 15.40
CA ASP B 203 -7.47 -17.87 14.43
C ASP B 203 -6.91 -17.45 13.06
N VAL B 204 -7.77 -17.41 12.04
CA VAL B 204 -7.33 -17.10 10.70
C VAL B 204 -6.94 -15.63 10.49
N ASP B 205 -7.39 -14.78 11.39
CA ASP B 205 -6.98 -13.39 11.43
C ASP B 205 -5.50 -13.23 11.62
N LYS B 206 -4.92 -13.93 12.56
CA LYS B 206 -3.46 -13.95 12.73
C LYS B 206 -2.76 -14.56 11.51
N TRP B 207 -3.33 -15.63 10.98
CA TRP B 207 -2.71 -16.24 9.85
C TRP B 207 -2.57 -15.30 8.67
N ASP B 208 -3.60 -14.57 8.38
CA ASP B 208 -3.50 -13.65 7.27
C ASP B 208 -2.48 -12.54 7.60
N TYR B 209 -2.60 -11.88 8.75
CA TYR B 209 -1.75 -10.72 8.99
C TYR B 209 -0.27 -11.08 9.09
N PHE B 210 0.03 -12.26 9.66
CA PHE B 210 1.39 -12.73 9.69
C PHE B 210 1.97 -12.69 8.28
N ALA B 211 1.28 -13.36 7.37
CA ALA B 211 1.80 -13.48 6.09
C ALA B 211 1.78 -12.16 5.34
N ARG B 212 0.71 -11.39 5.52
CA ARG B 212 0.58 -10.14 4.77
C ARG B 212 1.54 -9.09 5.28
N ASP B 213 1.70 -8.96 6.61
CA ASP B 213 2.55 -7.96 7.15
C ASP B 213 3.97 -8.30 6.75
N CYS B 214 4.36 -9.56 6.89
CA CYS B 214 5.70 -9.98 6.49
C CYS B 214 6.05 -9.62 5.04
N HIS B 215 5.21 -10.03 4.11
CA HIS B 215 5.37 -9.70 2.72
C HIS B 215 5.63 -8.18 2.51
N HIS B 216 4.94 -7.31 3.22
CA HIS B 216 5.11 -5.89 3.04
C HIS B 216 6.22 -5.25 3.89
N LEU B 217 6.50 -5.79 5.08
CA LEU B 217 7.45 -5.25 5.96
C LEU B 217 8.85 -5.54 5.47
N GLY B 218 9.00 -6.72 4.83
CA GLY B 218 10.37 -7.20 4.50
C GLY B 218 11.08 -7.96 5.64
N ILE B 219 10.27 -8.60 6.43
CA ILE B 219 10.67 -9.53 7.47
C ILE B 219 9.90 -10.81 7.04
N GLN B 220 10.56 -11.93 7.25
CA GLN B 220 10.11 -13.19 6.71
C GLN B 220 9.35 -13.97 7.84
N ASN B 221 8.22 -14.51 7.38
CA ASN B 221 7.28 -15.23 8.25
C ASN B 221 7.77 -16.66 8.51
N ASN B 222 7.86 -17.20 9.73
CA ASN B 222 8.09 -18.68 9.78
C ASN B 222 6.95 -19.63 10.25
N PHE B 223 5.72 -19.19 10.16
CA PHE B 223 4.60 -19.98 10.59
C PHE B 223 3.92 -20.49 9.35
N ASP B 224 3.50 -21.77 9.34
CA ASP B 224 2.84 -22.36 8.17
C ASP B 224 1.41 -22.72 8.49
N TYR B 225 0.46 -21.88 8.08
CA TYR B 225 -0.93 -21.99 8.41
C TYR B 225 -1.54 -23.20 7.69
N LYS B 226 -1.07 -23.46 6.48
CA LYS B 226 -1.59 -24.56 5.73
C LYS B 226 -1.29 -25.86 6.43
N ARG B 227 -0.07 -25.99 6.96
CA ARG B 227 0.25 -27.19 7.68
C ARG B 227 -0.79 -27.36 8.81
N PHE B 228 -1.05 -26.29 9.56
CA PHE B 228 -1.93 -26.43 10.68
C PHE B 228 -3.31 -26.88 10.22
N ILE B 229 -3.86 -26.29 9.16
CA ILE B 229 -5.15 -26.72 8.65
C ILE B 229 -5.14 -28.18 8.21
N LYS B 230 -4.08 -28.69 7.60
CA LYS B 230 -4.10 -30.13 7.24
C LYS B 230 -4.25 -31.04 8.48
N PHE B 231 -3.79 -30.58 9.64
CA PHE B 231 -3.77 -31.40 10.83
C PHE B 231 -4.87 -31.03 11.81
N ALA B 232 -5.81 -30.21 11.44
CA ALA B 232 -6.86 -29.83 12.38
C ALA B 232 -8.02 -30.78 12.28
N ARG B 233 -8.80 -30.80 13.35
CA ARG B 233 -9.82 -31.76 13.47
C ARG B 233 -10.75 -31.37 14.60
N VAL B 234 -12.05 -31.60 14.44
CA VAL B 234 -12.97 -31.34 15.53
C VAL B 234 -13.15 -32.60 16.38
N CYS B 235 -13.08 -32.42 17.67
CA CYS B 235 -13.30 -33.48 18.68
C CYS B 235 -14.17 -32.97 19.79
N GLU B 236 -14.74 -33.91 20.54
CA GLU B 236 -15.51 -33.53 21.72
C GLU B 236 -14.56 -33.20 22.86
N VAL B 237 -14.72 -32.03 23.44
CA VAL B 237 -13.98 -31.69 24.66
C VAL B 237 -14.98 -31.05 25.62
N ASP B 238 -15.13 -31.67 26.80
CA ASP B 238 -16.02 -31.18 27.88
C ASP B 238 -17.41 -30.81 27.35
N ASN B 239 -18.05 -31.77 26.67
CA ASN B 239 -19.44 -31.62 26.18
C ASN B 239 -19.67 -30.48 25.13
N GLU B 240 -18.59 -30.11 24.45
CA GLU B 240 -18.58 -29.07 23.42
C GLU B 240 -17.71 -29.60 22.24
N LEU B 241 -18.20 -29.49 21.00
CA LEU B 241 -17.36 -29.79 19.83
C LEU B 241 -16.34 -28.64 19.47
N ARG B 242 -15.04 -28.91 19.56
CA ARG B 242 -13.99 -27.88 19.35
C ARG B 242 -12.86 -28.25 18.35
N ILE B 243 -12.15 -27.23 17.87
CA ILE B 243 -11.09 -27.49 16.90
C ILE B 243 -9.87 -27.90 17.69
N CYS B 244 -9.28 -29.02 17.33
CA CYS B 244 -8.11 -29.61 17.93
C CYS B 244 -7.02 -29.79 16.86
N ALA B 245 -5.75 -29.81 17.30
CA ALA B 245 -4.62 -29.97 16.43
C ALA B 245 -3.98 -31.32 16.70
N ARG B 246 -3.23 -31.86 15.73
CA ARG B 246 -2.39 -33.01 16.01
C ARG B 246 -1.38 -32.68 17.10
N ASP B 247 -1.13 -33.68 17.97
CA ASP B 247 -0.15 -33.62 19.02
C ASP B 247 1.21 -33.08 18.53
N LYS B 248 1.76 -33.57 17.42
CA LYS B 248 3.05 -33.14 16.88
C LYS B 248 3.12 -31.66 16.47
N GLU B 249 2.01 -30.97 16.29
CA GLU B 249 1.99 -29.54 16.04
C GLU B 249 2.23 -28.63 17.25
N VAL B 250 2.36 -29.20 18.47
CA VAL B 250 2.43 -28.39 19.65
C VAL B 250 3.63 -27.41 19.59
N GLY B 251 4.78 -27.87 19.13
CA GLY B 251 5.94 -27.02 18.93
C GLY B 251 5.68 -25.88 17.97
N ASN B 252 4.94 -26.17 16.90
CA ASN B 252 4.65 -25.17 15.89
C ASN B 252 3.70 -24.11 16.49
N LEU B 253 2.87 -24.50 17.44
CA LEU B 253 1.96 -23.55 18.08
C LEU B 253 2.66 -22.65 19.05
N TYR B 254 3.58 -23.16 19.82
CA TYR B 254 4.49 -22.33 20.59
C TYR B 254 5.24 -21.34 19.70
N ASP B 255 5.74 -21.82 18.57
CA ASP B 255 6.43 -20.96 17.62
C ASP B 255 5.49 -19.93 16.99
N MET B 256 4.22 -20.25 16.83
CA MET B 256 3.27 -19.24 16.31
C MET B 256 3.19 -18.03 17.23
N PHE B 257 3.10 -18.27 18.54
CA PHE B 257 3.00 -17.18 19.48
C PHE B 257 4.32 -16.41 19.61
N HIS B 258 5.43 -17.13 19.47
CA HIS B 258 6.74 -16.52 19.48
C HIS B 258 6.89 -15.59 18.27
N THR B 259 6.46 -16.02 17.12
CA THR B 259 6.40 -15.18 15.95
C THR B 259 5.59 -13.95 16.18
N ARG B 260 4.41 -14.12 16.71
CA ARG B 260 3.59 -12.92 16.99
C ARG B 260 4.37 -11.91 17.86
N ASN B 261 5.03 -12.40 18.87
CA ASN B 261 5.76 -11.51 19.75
C ASN B 261 6.95 -10.84 19.03
N SER B 262 7.64 -11.62 18.19
CA SER B 262 8.76 -11.08 17.42
C SER B 262 8.27 -10.01 16.43
N LEU B 263 7.11 -10.24 15.79
CA LEU B 263 6.53 -9.21 14.95
C LEU B 263 6.21 -7.92 15.72
N HIS B 264 5.67 -8.02 16.94
CA HIS B 264 5.48 -6.84 17.76
C HIS B 264 6.81 -6.13 18.08
N ARG B 265 7.83 -6.87 18.44
CA ARG B 265 9.13 -6.30 18.87
C ARG B 265 9.87 -5.66 17.69
N ARG B 266 9.89 -6.30 16.55
CA ARG B 266 10.53 -5.75 15.37
C ARG B 266 9.74 -4.65 14.67
N ALA B 267 8.43 -4.84 14.52
CA ALA B 267 7.61 -3.92 13.71
C ALA B 267 6.52 -3.12 14.39
N TYR B 268 5.53 -3.81 14.91
CA TYR B 268 4.32 -3.16 15.34
C TYR B 268 4.57 -2.19 16.54
N GLN B 269 5.51 -2.53 17.43
CA GLN B 269 5.84 -1.70 18.56
C GLN B 269 7.24 -1.03 18.36
N HIS B 270 7.71 -0.87 17.10
CA HIS B 270 8.98 -0.24 16.87
C HIS B 270 8.82 1.14 17.54
N LYS B 271 9.84 1.54 18.28
CA LYS B 271 9.74 2.75 19.13
C LYS B 271 9.38 3.97 18.28
N VAL B 272 9.88 4.07 17.05
CA VAL B 272 9.58 5.23 16.21
C VAL B 272 8.17 5.11 15.55
N GLY B 273 7.74 3.90 15.21
CA GLY B 273 6.39 3.65 14.78
C GLY B 273 5.40 4.12 15.82
N ASN B 274 5.72 3.80 17.06
CA ASN B 274 4.83 4.18 18.17
C ASN B 274 4.84 5.71 18.37
N ILE B 275 6.02 6.35 18.24
CA ILE B 275 6.06 7.79 18.47
C ILE B 275 5.28 8.55 17.34
N ILE B 276 5.35 8.05 16.12
CA ILE B 276 4.59 8.62 15.05
C ILE B 276 3.09 8.52 15.31
N ASP B 277 2.65 7.34 15.74
CA ASP B 277 1.24 7.12 16.09
C ASP B 277 0.87 8.12 17.21
N THR B 278 1.82 8.39 18.14
CA THR B 278 1.56 9.28 19.25
C THR B 278 1.40 10.71 18.77
N MET B 279 2.25 11.09 17.83
CA MET B 279 2.18 12.44 17.28
C MET B 279 0.90 12.68 16.47
N ILE B 280 0.50 11.66 15.72
CA ILE B 280 -0.72 11.76 14.96
C ILE B 280 -1.86 11.86 15.94
N THR B 281 -1.83 11.05 17.00
CA THR B 281 -2.87 11.09 18.02
C THR B 281 -2.95 12.52 18.66
N ASP B 282 -1.80 13.08 18.96
CA ASP B 282 -1.75 14.44 19.46
C ASP B 282 -2.38 15.44 18.48
N ALA B 283 -2.00 15.36 17.21
CA ALA B 283 -2.63 16.18 16.20
C ALA B 283 -4.12 16.07 16.23
N PHE B 284 -4.62 14.84 16.27
CA PHE B 284 -6.05 14.57 16.26
C PHE B 284 -6.71 15.16 17.52
N LEU B 285 -6.06 15.03 18.68
CA LEU B 285 -6.56 15.63 19.89
C LEU B 285 -6.72 17.16 19.80
N LYS B 286 -5.74 17.83 19.25
CA LYS B 286 -5.83 19.24 18.97
C LYS B 286 -6.75 19.63 17.85
N ALA B 287 -7.25 18.70 17.06
CA ALA B 287 -8.18 19.04 16.01
C ALA B 287 -9.60 18.66 16.36
N ASP B 288 -9.80 17.94 17.47
CA ASP B 288 -11.05 17.30 17.70
C ASP B 288 -12.18 18.30 17.84
N ASP B 289 -11.89 19.45 18.46
CA ASP B 289 -12.90 20.48 18.68
C ASP B 289 -13.30 21.14 17.33
N TYR B 290 -12.45 21.13 16.32
CA TYR B 290 -12.63 21.99 15.13
C TYR B 290 -12.93 21.29 13.79
N ILE B 291 -12.96 19.95 13.75
CA ILE B 291 -13.31 19.22 12.51
C ILE B 291 -14.67 18.59 12.68
N GLU B 292 -15.46 18.70 11.61
CA GLU B 292 -16.87 18.39 11.63
C GLU B 292 -17.16 17.36 10.54
N ILE B 293 -17.71 16.21 10.90
CA ILE B 293 -17.96 15.15 9.93
C ILE B 293 -19.48 14.97 9.87
N THR B 294 -20.03 14.96 8.65
CA THR B 294 -21.48 14.95 8.54
C THR B 294 -22.01 13.50 8.61
N GLY B 295 -22.80 13.21 9.62
CA GLY B 295 -23.44 11.91 9.81
C GLY B 295 -24.93 11.90 9.50
N ALA B 296 -25.68 11.00 10.14
CA ALA B 296 -27.10 10.71 9.79
C ALA B 296 -27.99 11.86 10.18
N GLY B 297 -28.93 12.21 9.28
CA GLY B 297 -29.84 13.35 9.42
C GLY B 297 -29.17 14.73 9.40
N GLY B 298 -28.02 14.85 8.70
CA GLY B 298 -27.18 16.07 8.68
C GLY B 298 -26.45 16.48 9.97
N LYS B 299 -26.56 15.68 11.04
CA LYS B 299 -25.89 15.98 12.34
C LYS B 299 -24.37 15.99 12.21
N LYS B 300 -23.74 16.92 12.93
CA LYS B 300 -22.30 17.09 12.87
C LYS B 300 -21.63 16.36 14.04
N TYR B 301 -20.61 15.55 13.71
CA TYR B 301 -19.86 14.77 14.67
C TYR B 301 -18.39 15.18 14.66
N ARG B 302 -17.70 14.80 15.71
CA ARG B 302 -16.28 15.05 15.82
C ARG B 302 -15.47 13.79 15.54
N ILE B 303 -14.16 13.96 15.36
CA ILE B 303 -13.31 12.78 15.19
C ILE B 303 -13.57 11.77 16.32
N SER B 304 -13.69 12.26 17.55
CA SER B 304 -13.94 11.39 18.73
C SER B 304 -15.36 10.87 18.86
N THR B 305 -16.36 11.47 18.20
CA THR B 305 -17.75 11.01 18.32
C THR B 305 -18.29 10.36 17.08
N ALA B 306 -17.57 10.48 15.96
CA ALA B 306 -17.92 9.75 14.76
C ALA B 306 -18.13 8.30 15.03
N ILE B 307 -17.48 7.74 16.05
CA ILE B 307 -17.78 6.35 16.45
C ILE B 307 -19.19 6.02 16.92
N ASP B 308 -19.99 7.03 17.26
CA ASP B 308 -21.38 6.82 17.70
C ASP B 308 -22.39 6.84 16.52
N ASP B 309 -21.94 7.20 15.29
CA ASP B 309 -22.81 7.24 14.11
C ASP B 309 -22.12 6.68 12.84
N MET B 310 -22.58 5.51 12.39
CA MET B 310 -21.90 4.78 11.36
C MET B 310 -21.92 5.45 10.01
N GLU B 311 -22.84 6.36 9.77
CA GLU B 311 -22.81 7.16 8.54
C GLU B 311 -21.63 8.17 8.57
N ALA B 312 -21.34 8.69 9.75
CA ALA B 312 -20.19 9.58 9.90
C ALA B 312 -18.87 8.82 9.94
N TYR B 313 -18.83 7.74 10.69
CA TYR B 313 -17.65 6.89 10.81
C TYR B 313 -17.22 6.38 9.42
N THR B 314 -18.17 6.11 8.51
CA THR B 314 -17.89 5.73 7.13
C THR B 314 -16.89 6.65 6.46
N LYS B 315 -16.96 7.94 6.77
CA LYS B 315 -16.10 8.94 6.17
C LYS B 315 -14.89 9.30 6.99
N LEU B 316 -14.63 8.56 8.05
CA LEU B 316 -13.45 8.84 8.89
C LEU B 316 -12.35 7.82 8.61
N THR B 317 -11.34 8.24 7.86
CA THR B 317 -10.27 7.34 7.42
C THR B 317 -8.94 8.06 7.58
N ASP B 318 -7.89 7.42 7.15
CA ASP B 318 -6.55 8.09 7.15
C ASP B 318 -6.51 9.46 6.42
N ASN B 319 -7.48 9.70 5.54
CA ASN B 319 -7.69 10.97 4.93
C ASN B 319 -7.66 12.15 5.90
N ILE B 320 -8.17 11.95 7.10
CA ILE B 320 -8.15 13.00 8.08
C ILE B 320 -6.75 13.60 8.33
N PHE B 321 -5.70 12.79 8.27
CA PHE B 321 -4.33 13.25 8.42
C PHE B 321 -4.05 14.34 7.39
N LEU B 322 -4.38 14.06 6.14
CA LEU B 322 -4.15 14.98 5.07
C LEU B 322 -5.11 16.23 5.10
N GLU B 323 -6.35 16.03 5.48
CA GLU B 323 -7.26 17.12 5.74
C GLU B 323 -6.62 18.12 6.75
N ILE B 324 -6.02 17.63 7.84
CA ILE B 324 -5.37 18.50 8.83
C ILE B 324 -4.12 19.15 8.24
N LEU B 325 -3.27 18.35 7.60
CA LEU B 325 -2.04 18.84 7.09
C LEU B 325 -2.26 19.87 5.96
N TYR B 326 -3.32 19.73 5.16
CA TYR B 326 -3.50 20.64 4.04
C TYR B 326 -4.39 21.87 4.36
N SER B 327 -4.96 21.95 5.55
CA SER B 327 -5.88 23.00 5.91
C SER B 327 -5.20 24.35 6.08
N THR B 328 -6.04 25.39 6.04
CA THR B 328 -5.67 26.78 6.37
C THR B 328 -6.42 27.38 7.54
N ASP B 329 -7.54 26.79 7.96
CA ASP B 329 -8.19 27.23 9.19
C ASP B 329 -7.14 27.58 10.27
N PRO B 330 -7.18 28.82 10.80
CA PRO B 330 -6.25 29.14 11.90
C PRO B 330 -6.41 28.28 13.16
N LYS B 331 -7.61 27.74 13.41
CA LYS B 331 -7.83 26.93 14.63
C LYS B 331 -7.25 25.52 14.60
N LEU B 332 -6.76 25.07 13.44
CA LEU B 332 -6.02 23.82 13.23
C LEU B 332 -4.54 24.08 13.13
N LYS B 333 -4.08 25.30 13.35
CA LYS B 333 -2.64 25.50 13.29
C LYS B 333 -1.89 24.53 14.23
N ASP B 334 -2.35 24.38 15.48
CA ASP B 334 -1.60 23.54 16.41
C ASP B 334 -1.48 22.08 15.92
N ALA B 335 -2.61 21.47 15.59
CA ALA B 335 -2.68 20.14 14.97
C ALA B 335 -1.77 20.06 13.70
N ARG B 336 -1.89 21.05 12.85
CA ARG B 336 -1.15 21.09 11.63
C ARG B 336 0.36 21.11 11.88
N GLU B 337 0.82 21.88 12.85
CA GLU B 337 2.28 22.02 13.10
C GLU B 337 2.95 20.74 13.60
N ILE B 338 2.19 19.95 14.32
CA ILE B 338 2.62 18.61 14.72
C ILE B 338 2.79 17.70 13.47
N LEU B 339 1.86 17.71 12.52
CA LEU B 339 1.99 16.89 11.31
C LEU B 339 3.14 17.36 10.45
N LYS B 340 3.37 18.66 10.42
CA LYS B 340 4.56 19.20 9.80
C LYS B 340 5.81 18.67 10.42
N GLN B 341 5.87 18.55 11.76
CA GLN B 341 7.04 17.98 12.40
C GLN B 341 7.29 16.47 11.94
N ILE B 342 6.23 15.68 11.76
CA ILE B 342 6.36 14.37 11.12
C ILE B 342 6.97 14.46 9.69
N GLU B 343 6.48 15.34 8.84
CA GLU B 343 6.99 15.43 7.46
C GLU B 343 8.42 15.79 7.35
N TYR B 344 8.85 16.73 8.18
CA TYR B 344 10.26 17.11 8.23
C TYR B 344 11.04 16.13 9.07
N ARG B 345 10.44 15.11 9.68
CA ARG B 345 11.23 14.17 10.49
C ARG B 345 11.92 14.86 11.71
N ASN B 346 11.21 15.78 12.33
CA ASN B 346 11.57 16.32 13.64
C ASN B 346 10.67 15.68 14.62
N LEU B 347 10.97 14.43 14.90
CA LEU B 347 10.07 13.65 15.77
C LEU B 347 10.47 13.92 17.17
N PHE B 348 9.59 13.57 18.07
CA PHE B 348 10.05 13.47 19.47
C PHE B 348 11.16 12.46 19.54
N LYS B 349 12.07 12.65 20.45
CA LYS B 349 13.30 11.85 20.59
C LYS B 349 13.11 10.67 21.55
N TYR B 350 13.58 9.51 21.09
CA TYR B 350 13.57 8.35 21.94
C TYR B 350 14.69 8.47 22.98
N VAL B 351 14.31 8.38 24.25
CA VAL B 351 15.30 8.41 25.34
C VAL B 351 15.75 7.01 25.74
N GLY B 352 14.83 6.04 25.76
CA GLY B 352 15.18 4.67 26.15
C GLY B 352 14.00 3.84 26.54
N GLU B 353 14.29 2.57 26.88
CA GLU B 353 13.34 1.54 27.31
C GLU B 353 13.78 0.95 28.62
N THR B 354 12.79 0.61 29.45
CA THR B 354 13.02 -0.13 30.64
C THR B 354 11.84 -1.03 30.92
N GLN B 355 12.03 -1.96 31.85
CA GLN B 355 10.93 -2.82 32.30
C GLN B 355 10.85 -2.83 33.83
N PRO B 356 9.67 -3.09 34.38
CA PRO B 356 9.64 -3.36 35.85
C PRO B 356 10.25 -4.71 36.19
N THR B 357 10.59 -4.86 37.47
CA THR B 357 11.09 -6.13 37.99
C THR B 357 10.22 -6.67 39.14
N GLY B 358 10.55 -7.88 39.59
CA GLY B 358 10.04 -8.48 40.84
C GLY B 358 8.53 -8.65 40.99
N GLN B 359 7.86 -8.85 39.86
CA GLN B 359 6.39 -9.03 39.85
C GLN B 359 5.63 -7.71 40.29
N ILE B 360 6.32 -6.56 40.20
CA ILE B 360 5.67 -5.21 40.10
C ILE B 360 4.86 -5.21 38.78
N LYS B 361 3.67 -4.65 38.72
CA LYS B 361 2.96 -4.44 37.45
C LYS B 361 2.51 -3.01 37.41
N ILE B 362 2.67 -2.33 36.29
CA ILE B 362 2.10 -0.98 36.12
C ILE B 362 0.65 -1.01 35.69
N LYS B 363 -0.22 -0.39 36.48
CA LYS B 363 -1.67 -0.45 36.29
C LYS B 363 -2.07 0.65 35.34
N ARG B 364 -3.12 0.45 34.55
CA ARG B 364 -3.58 1.46 33.61
C ARG B 364 -3.90 2.84 34.23
N GLU B 365 -4.38 2.86 35.48
CA GLU B 365 -4.74 4.10 36.20
C GLU B 365 -3.55 5.01 36.24
N ASP B 366 -2.45 4.44 36.74
CA ASP B 366 -1.14 5.09 36.83
C ASP B 366 -0.48 5.64 35.54
N TYR B 367 -0.95 5.35 34.32
CA TYR B 367 -0.13 5.71 33.10
C TYR B 367 0.11 7.20 33.06
N GLU B 368 -0.95 7.95 33.33
CA GLU B 368 -0.89 9.40 33.22
C GLU B 368 0.01 10.06 34.25
N SER B 369 0.33 9.34 35.31
CA SER B 369 1.19 9.86 36.35
C SER B 369 2.67 9.80 36.03
N LEU B 370 3.07 8.97 35.05
CA LEU B 370 4.49 8.60 34.84
C LEU B 370 5.42 9.70 34.31
N PRO B 371 4.97 10.49 33.36
CA PRO B 371 5.74 11.70 32.97
C PRO B 371 6.12 12.64 34.15
N LYS B 372 5.20 12.85 35.09
CA LYS B 372 5.49 13.61 36.32
C LYS B 372 6.58 12.93 37.10
N GLU B 373 6.45 11.62 37.32
CA GLU B 373 7.46 10.91 38.12
C GLU B 373 8.82 11.06 37.48
N VAL B 374 8.89 11.03 36.14
CA VAL B 374 10.18 11.16 35.45
C VAL B 374 10.75 12.56 35.67
N ALA B 375 9.89 13.57 35.57
CA ALA B 375 10.27 14.99 35.72
C ALA B 375 10.70 15.35 37.17
N SER B 376 10.16 14.62 38.16
CA SER B 376 10.51 14.74 39.59
C SER B 376 11.69 13.87 39.99
N ALA B 377 12.37 13.22 39.05
CA ALA B 377 13.58 12.52 39.44
C ALA B 377 14.62 13.60 39.82
N LYS B 378 15.42 13.27 40.86
CA LYS B 378 16.36 14.19 41.47
C LYS B 378 17.74 13.59 41.23
N PRO B 379 18.30 13.77 40.01
CA PRO B 379 19.66 13.22 39.74
C PRO B 379 20.70 14.02 40.49
N LYS B 380 21.73 13.35 41.05
CA LYS B 380 22.77 14.00 41.87
C LYS B 380 23.54 15.05 41.05
N VAL B 381 23.90 14.70 39.82
CA VAL B 381 24.59 15.61 38.87
C VAL B 381 23.77 16.88 38.58
N LEU B 382 24.38 18.06 38.60
CA LEU B 382 23.68 19.32 38.33
C LEU B 382 23.11 19.32 36.89
N LEU B 383 22.04 20.10 36.71
CA LEU B 383 21.47 20.26 35.38
C LEU B 383 21.38 21.74 35.03
N ASP B 384 21.70 22.05 33.79
CA ASP B 384 21.86 23.45 33.35
C ASP B 384 20.42 24.01 33.15
N VAL B 385 19.51 23.15 32.70
CA VAL B 385 18.09 23.48 32.50
C VAL B 385 17.22 22.33 33.04
N LYS B 386 16.03 22.71 33.56
CA LYS B 386 15.06 21.80 34.12
C LYS B 386 14.17 21.32 32.96
N LEU B 387 13.42 20.26 33.22
CA LEU B 387 12.38 19.78 32.28
C LEU B 387 11.09 19.50 33.08
N LYS B 388 9.93 19.76 32.49
CA LYS B 388 8.59 19.67 33.13
C LYS B 388 7.97 18.35 32.67
N ALA B 389 6.84 17.93 33.26
CA ALA B 389 6.18 16.65 32.90
C ALA B 389 5.69 16.64 31.47
N GLU B 390 5.20 17.78 31.05
CA GLU B 390 4.75 18.10 29.70
C GLU B 390 5.78 17.66 28.66
N ASP B 391 7.08 17.66 29.02
CA ASP B 391 8.15 17.37 28.06
C ASP B 391 8.40 15.87 27.78
N PHE B 392 7.78 15.00 28.59
CA PHE B 392 8.03 13.57 28.56
C PHE B 392 6.80 12.82 28.07
N ILE B 393 7.05 11.79 27.26
CA ILE B 393 6.07 10.76 26.97
C ILE B 393 6.55 9.42 27.54
N VAL B 394 5.67 8.75 28.28
CA VAL B 394 5.94 7.44 28.81
C VAL B 394 4.88 6.50 28.24
N ASP B 395 5.31 5.49 27.46
CA ASP B 395 4.44 4.64 26.65
C ASP B 395 4.62 3.29 27.29
N VAL B 396 3.57 2.75 27.90
CA VAL B 396 3.59 1.43 28.46
C VAL B 396 2.97 0.45 27.46
N ILE B 397 3.70 -0.63 27.19
CA ILE B 397 3.23 -1.67 26.30
C ILE B 397 3.21 -3.01 26.98
N ASN B 398 2.02 -3.63 26.95
CA ASN B 398 1.72 -4.92 27.50
C ASN B 398 2.01 -5.90 26.39
N MET B 399 3.10 -6.65 26.51
CA MET B 399 3.48 -7.72 25.54
C MET B 399 3.06 -9.06 26.14
N ASP B 400 2.26 -9.83 25.43
CA ASP B 400 1.91 -11.13 25.92
C ASP B 400 1.57 -12.13 24.78
N TYR B 401 1.17 -13.35 25.17
CA TYR B 401 0.85 -14.41 24.25
C TYR B 401 -0.67 -14.46 24.04
N GLY B 402 -1.32 -13.32 24.27
CA GLY B 402 -2.67 -12.97 23.85
C GLY B 402 -3.73 -13.29 24.91
N MET B 403 -3.28 -13.75 26.08
CA MET B 403 -4.19 -14.06 27.19
C MET B 403 -3.60 -13.61 28.51
N GLN B 404 -3.16 -12.35 28.55
CA GLN B 404 -2.54 -11.72 29.75
C GLN B 404 -1.44 -12.68 30.22
N GLU B 405 -1.48 -13.21 31.45
CA GLU B 405 -0.38 -14.03 32.00
C GLU B 405 -0.48 -15.54 31.67
N LYS B 406 -1.53 -15.96 31.01
CA LYS B 406 -1.72 -17.37 30.73
C LYS B 406 -0.94 -17.80 29.51
N ASN B 407 -0.56 -19.06 29.56
CA ASN B 407 0.02 -19.77 28.48
C ASN B 407 -1.20 -20.26 27.65
N PRO B 408 -1.35 -19.73 26.39
CA PRO B 408 -2.45 -20.16 25.54
C PRO B 408 -2.36 -21.59 25.08
N ILE B 409 -1.19 -22.21 25.08
CA ILE B 409 -1.16 -23.62 24.71
C ILE B 409 -1.83 -24.51 25.78
N ASP B 410 -2.01 -24.02 27.00
CA ASP B 410 -2.82 -24.69 28.02
C ASP B 410 -4.28 -24.74 27.68
N HIS B 411 -4.73 -23.93 26.72
CA HIS B 411 -6.12 -23.92 26.30
C HIS B 411 -6.29 -24.42 24.91
N VAL B 412 -5.34 -25.23 24.46
CA VAL B 412 -5.45 -25.92 23.17
C VAL B 412 -5.73 -27.40 23.41
N SER B 413 -6.60 -27.97 22.60
CA SER B 413 -6.76 -29.41 22.63
C SER B 413 -6.07 -30.03 21.46
N PHE B 414 -5.48 -31.21 21.68
CA PHE B 414 -4.76 -32.00 20.70
C PHE B 414 -5.31 -33.39 20.48
N TYR B 415 -4.87 -34.08 19.43
CA TYR B 415 -5.23 -35.51 19.25
C TYR B 415 -4.07 -36.29 18.69
N CYS B 416 -4.12 -37.60 18.86
CA CYS B 416 -3.03 -38.51 18.51
C CYS B 416 -3.50 -39.31 17.35
N LYS B 417 -2.52 -39.79 16.58
CA LYS B 417 -2.70 -40.59 15.35
C LYS B 417 -3.54 -41.85 15.68
N THR B 418 -3.30 -42.43 16.85
CA THR B 418 -3.95 -43.72 17.19
C THR B 418 -5.39 -43.57 17.72
N ALA B 419 -5.78 -42.40 18.21
CA ALA B 419 -7.14 -42.15 18.73
C ALA B 419 -7.63 -40.78 18.24
N PRO B 420 -7.92 -40.70 16.93
CA PRO B 420 -8.19 -39.39 16.36
C PRO B 420 -9.41 -38.67 16.92
N ASN B 421 -10.34 -39.38 17.60
CA ASN B 421 -11.51 -38.71 18.18
C ASN B 421 -11.36 -38.29 19.63
N ARG B 422 -10.22 -38.62 20.22
CA ARG B 422 -9.98 -38.40 21.59
C ARG B 422 -8.98 -37.21 21.83
N ALA B 423 -9.53 -36.17 22.41
CA ALA B 423 -8.85 -34.96 22.74
C ALA B 423 -7.97 -35.11 23.95
N ILE B 424 -6.83 -34.45 24.02
CA ILE B 424 -5.89 -34.55 25.16
C ILE B 424 -5.28 -33.20 25.35
N ARG B 425 -4.53 -33.03 26.42
CA ARG B 425 -3.90 -31.80 26.78
C ARG B 425 -2.41 -32.09 26.73
N ILE B 426 -1.63 -31.04 26.53
CA ILE B 426 -0.18 -31.15 26.51
C ILE B 426 0.35 -29.93 27.28
N THR B 427 1.18 -30.17 28.27
CA THR B 427 1.70 -29.14 29.11
C THR B 427 3.07 -28.77 28.58
N LYS B 428 3.45 -27.54 28.95
CA LYS B 428 4.77 -26.97 28.72
C LYS B 428 5.97 -27.94 28.88
N ASN B 429 6.03 -28.53 30.06
CA ASN B 429 7.12 -29.46 30.45
C ASN B 429 7.18 -30.74 29.59
N GLN B 430 6.07 -31.12 28.94
CA GLN B 430 6.07 -32.23 28.02
C GLN B 430 6.64 -31.85 26.64
N VAL B 431 6.96 -30.56 26.43
CA VAL B 431 7.38 -30.11 25.12
C VAL B 431 8.85 -29.79 25.17
N SER B 432 9.26 -28.87 26.06
CA SER B 432 10.60 -28.37 26.07
C SER B 432 10.87 -27.49 27.26
N GLN B 433 12.08 -27.50 27.71
CA GLN B 433 12.64 -26.60 28.72
C GLN B 433 13.16 -25.24 28.18
N LEU B 434 13.22 -25.08 26.85
CA LEU B 434 13.62 -23.81 26.20
C LEU B 434 12.45 -22.86 25.83
N LEU B 435 11.30 -23.08 26.44
CA LEU B 435 10.13 -22.25 26.18
C LEU B 435 10.16 -21.12 27.17
N PRO B 436 9.42 -20.07 26.89
CA PRO B 436 9.30 -19.00 27.89
C PRO B 436 8.85 -19.42 29.28
N GLU B 437 9.39 -18.74 30.30
CA GLU B 437 9.05 -19.00 31.69
C GLU B 437 7.80 -18.23 32.03
N LYS B 438 7.68 -17.02 31.49
CA LYS B 438 6.45 -16.20 31.60
C LYS B 438 5.82 -15.93 30.25
N PHE B 439 4.61 -15.43 30.26
CA PHE B 439 3.85 -15.16 29.05
C PHE B 439 3.33 -13.75 28.94
N ALA B 440 3.70 -12.87 29.88
CA ALA B 440 3.42 -11.44 29.81
C ALA B 440 4.49 -10.58 30.44
N GLU B 441 4.73 -9.39 29.89
CA GLU B 441 5.67 -8.45 30.47
C GLU B 441 5.20 -7.06 30.04
N GLN B 442 5.90 -6.03 30.51
CA GLN B 442 5.64 -4.72 30.14
C GLN B 442 6.94 -4.07 29.78
N LEU B 443 6.84 -3.29 28.68
CA LEU B 443 7.91 -2.47 28.22
C LEU B 443 7.52 -0.97 28.45
N ILE B 444 8.47 -0.20 28.96
CA ILE B 444 8.23 1.19 29.21
C ILE B 444 9.18 1.95 28.31
N ARG B 445 8.68 2.78 27.41
CA ARG B 445 9.48 3.62 26.60
C ARG B 445 9.29 5.04 27.00
N VAL B 446 10.36 5.81 27.00
CA VAL B 446 10.35 7.20 27.36
C VAL B 446 10.89 8.03 26.25
N TYR B 447 10.14 9.09 25.92
CA TYR B 447 10.52 10.04 24.89
C TYR B 447 10.51 11.46 25.43
N CYS B 448 11.31 12.31 24.79
CA CYS B 448 11.32 13.73 25.06
C CYS B 448 10.83 14.63 23.92
N LYS B 449 9.93 15.59 24.19
CA LYS B 449 9.44 16.47 23.12
C LYS B 449 10.43 17.62 22.88
N LYS B 450 11.40 17.85 23.76
CA LYS B 450 12.40 18.85 23.43
C LYS B 450 13.54 18.11 22.75
N VAL B 451 13.84 18.51 21.52
CA VAL B 451 14.70 17.75 20.61
C VAL B 451 16.21 18.16 20.54
N ASP B 452 16.59 19.30 21.12
CA ASP B 452 18.00 19.76 21.11
C ASP B 452 18.89 18.88 22.01
N ARG B 453 20.23 18.94 21.79
CA ARG B 453 21.22 18.16 22.59
C ARG B 453 21.18 18.37 24.10
N LYS B 454 21.00 19.62 24.51
CA LYS B 454 21.04 19.96 25.90
C LYS B 454 19.87 19.30 26.63
N SER B 455 18.66 19.38 26.07
CA SER B 455 17.48 18.78 26.68
C SER B 455 17.49 17.23 26.66
N LEU B 456 18.00 16.66 25.57
CA LEU B 456 18.13 15.23 25.40
C LEU B 456 19.10 14.69 26.45
N TYR B 457 20.23 15.41 26.67
CA TYR B 457 21.19 14.97 27.68
C TYR B 457 20.45 14.91 29.04
N ALA B 458 19.70 15.95 29.31
CA ALA B 458 18.95 16.03 30.57
C ALA B 458 17.90 14.93 30.74
N ALA B 459 17.08 14.73 29.69
CA ALA B 459 16.10 13.68 29.69
C ALA B 459 16.72 12.33 29.95
N ARG B 460 17.90 12.09 29.41
CA ARG B 460 18.62 10.85 29.70
C ARG B 460 18.93 10.70 31.16
N GLN B 461 19.27 11.80 31.85
CA GLN B 461 19.58 11.72 33.31
C GLN B 461 18.32 11.49 34.13
N TYR B 462 17.29 12.30 33.93
CA TYR B 462 16.00 12.07 34.55
C TYR B 462 15.56 10.61 34.38
N PHE B 463 15.54 10.14 33.14
CA PHE B 463 15.10 8.77 32.82
C PHE B 463 15.85 7.70 33.58
N VAL B 464 17.18 7.73 33.51
CA VAL B 464 17.98 6.71 34.15
C VAL B 464 17.88 6.81 35.67
N GLN B 465 17.81 8.03 36.21
CA GLN B 465 17.49 8.17 37.62
C GLN B 465 16.16 7.58 37.95
N TRP B 466 15.14 7.82 37.15
CA TRP B 466 13.81 7.27 37.47
C TRP B 466 13.88 5.74 37.52
N CYS B 467 14.55 5.14 36.55
CA CYS B 467 14.68 3.68 36.50
C CYS B 467 15.38 3.16 37.77
N ALA B 468 16.46 3.81 38.19
CA ALA B 468 17.11 3.53 39.50
C ALA B 468 16.10 3.67 40.68
N ASP B 469 15.34 4.79 40.74
CA ASP B 469 14.33 5.04 41.78
C ASP B 469 13.23 3.96 41.86
N ARG B 470 12.77 3.39 40.71
CA ARG B 470 11.60 2.47 40.69
C ARG B 470 12.04 0.98 40.76
N ASN B 471 13.35 0.79 40.84
CA ASN B 471 14.02 -0.52 40.70
C ASN B 471 13.64 -1.26 39.35
N PHE B 472 13.56 -0.49 38.28
CA PHE B 472 13.35 -1.00 36.96
C PHE B 472 14.72 -1.49 36.39
N THR B 473 14.67 -2.22 35.28
CA THR B 473 15.88 -2.73 34.60
C THR B 473 16.75 -1.61 34.05
N LYS B 474 18.03 -1.87 34.04
CA LYS B 474 19.02 -0.94 33.54
C LYS B 474 18.87 -0.83 32.03
N PRO B 475 18.56 0.35 31.51
CA PRO B 475 18.61 0.51 30.05
C PRO B 475 19.88 0.02 29.47
N GLN B 476 19.77 -0.51 28.28
CA GLN B 476 20.86 -1.16 27.56
C GLN B 476 22.03 -0.25 27.34
N ASP B 477 21.74 1.02 27.05
CA ASP B 477 22.78 2.05 26.87
C ASP B 477 23.08 2.86 28.17
N GLY B 478 22.60 2.39 29.34
CA GLY B 478 22.69 3.19 30.59
C GLY B 478 24.08 3.74 30.94
N ASP B 479 25.10 2.90 30.82
CA ASP B 479 26.48 3.31 31.17
C ASP B 479 26.98 4.35 30.23
N VAL B 480 26.50 4.33 28.99
CA VAL B 480 26.85 5.31 28.01
C VAL B 480 26.10 6.61 28.15
N ILE B 481 24.79 6.57 28.36
CA ILE B 481 24.00 7.82 28.38
C ILE B 481 24.04 8.50 29.74
N ALA B 482 24.33 7.74 30.79
CA ALA B 482 24.24 8.32 32.17
C ALA B 482 25.28 7.67 33.03
N PRO B 483 26.57 7.79 32.67
CA PRO B 483 27.73 7.16 33.36
C PRO B 483 27.90 7.57 34.84
N LEU B 484 27.37 8.75 35.16
CA LEU B 484 27.33 9.20 36.56
C LEU B 484 26.25 8.54 37.40
N ILE B 485 25.32 7.79 36.78
CA ILE B 485 24.13 7.32 37.50
C ILE B 485 24.09 5.81 37.69
N THR B 486 24.50 5.04 36.70
CA THR B 486 24.44 3.58 36.79
C THR B 486 25.35 2.91 37.87
N PRO B 487 26.47 3.58 38.28
CA PRO B 487 27.22 3.16 39.49
C PRO B 487 26.47 3.24 40.82
N GLN B 488 25.61 4.28 41.03
CA GLN B 488 24.69 4.39 42.21
C GLN B 488 24.00 3.08 42.61
N LYS B 489 23.52 2.32 41.63
CA LYS B 489 22.54 1.22 41.84
C LYS B 489 23.15 -0.19 41.89
N LYS B 490 23.17 -0.78 43.10
CA LYS B 490 23.92 -2.04 43.40
C LYS B 490 23.37 -3.19 42.55
N GLU B 491 22.05 -3.20 42.38
CA GLU B 491 21.34 -4.20 41.54
C GLU B 491 21.82 -4.28 40.06
N TRP B 492 22.52 -3.25 39.56
CA TRP B 492 22.97 -3.20 38.16
C TRP B 492 24.48 -3.50 37.92
N ASN B 493 25.21 -3.98 38.94
CA ASN B 493 26.67 -4.24 38.84
C ASN B 493 26.98 -5.70 39.20
#